data_1FUQ
#
_entry.id   1FUQ
#
_cell.length_a   104.000
_cell.length_b   219.900
_cell.length_c   86.700
_cell.angle_alpha   90.00
_cell.angle_beta   90.00
_cell.angle_gamma   90.00
#
_symmetry.space_group_name_H-M   'C 2 2 21'
#
loop_
_entity.id
_entity.type
_entity.pdbx_description
1 polymer 'FUMARASE C'
2 non-polymer '3-TRIMETHYLSILYLSUCCINIC ACID'
3 non-polymer 'CITRIC ACID'
4 water water
#
_entity_poly.entity_id   1
_entity_poly.type   'polypeptide(L)'
_entity_poly.pdbx_seq_one_letter_code
;MNTVRSEKDSMGAIDVPADKLWGAQTQRSLEHFRISTEKMPTSLIHALALTKRAAAKVNEDLGLLSEEKASAIRQAADEV
LAGQHDDEFPLAIWQTGSGTQSNMNMNEVLANRASELLGGVRGMERKVHPNDDVNKSQSSNDVFPTAMHVAALLALRKQL
IPQLKTLTQTLNEKSRAFADIVKIGRTHLQDATPLTLGQEISGWVAMLEHNLKHIEYSLPHVAELALGGTAVGTGLNTHP
EYARRVADELAVITCAPFVTAPNKFEALATCDALVQAHGALKGLAASLMKIANDVRWLASGPRCGIGEISIPENEPGSSI
MPGKVNPTQCEALTMLCCQVMGNDVAINMGGASGNFELNVFRPMVIHNFLQSVRLLADGMESFNKHCAVGIEPNRERINQ
LLNESLMLVTALNTHIGYDKAAEIAKKAHKEGLTLKAAALALGYLSEAEFDSWVRPEQMVGSMKAGRHHHHH
;
_entity_poly.pdbx_strand_id   A,B
#
# COMPACT_ATOMS: atom_id res chain seq x y z
N VAL A 4 2.08 7.58 -48.40
CA VAL A 4 3.04 8.21 -47.44
C VAL A 4 3.68 9.46 -48.02
N ARG A 5 4.44 10.13 -47.17
CA ARG A 5 5.15 11.35 -47.51
C ARG A 5 6.56 11.11 -46.97
N SER A 6 7.54 11.85 -47.47
CA SER A 6 8.89 11.67 -47.01
C SER A 6 9.35 12.91 -46.25
N GLU A 7 9.60 12.72 -44.95
CA GLU A 7 10.06 13.81 -44.10
C GLU A 7 11.48 13.45 -43.68
N LYS A 8 12.26 14.44 -43.25
CA LYS A 8 13.62 14.15 -42.86
C LYS A 8 14.19 15.00 -41.74
N ASP A 9 15.19 14.47 -41.08
CA ASP A 9 15.90 15.14 -40.00
C ASP A 9 17.39 14.90 -40.21
N SER A 10 18.19 15.21 -39.19
CA SER A 10 19.64 15.03 -39.25
C SER A 10 20.09 13.59 -39.50
N MET A 11 19.26 12.62 -39.13
CA MET A 11 19.59 11.21 -39.33
C MET A 11 19.22 10.72 -40.72
N GLY A 12 18.45 11.53 -41.44
CA GLY A 12 18.03 11.16 -42.78
C GLY A 12 16.55 11.34 -42.99
N ALA A 13 16.02 10.70 -44.03
CA ALA A 13 14.60 10.79 -44.34
C ALA A 13 13.87 9.53 -43.92
N ILE A 14 12.56 9.62 -43.78
CA ILE A 14 11.73 8.50 -43.38
C ILE A 14 10.29 8.81 -43.83
N ASP A 15 9.55 7.76 -44.17
CA ASP A 15 8.17 7.92 -44.64
C ASP A 15 7.16 8.04 -43.50
N VAL A 16 6.34 9.08 -43.57
CA VAL A 16 5.28 9.32 -42.59
C VAL A 16 3.97 9.29 -43.37
N PRO A 17 2.88 8.75 -42.79
CA PRO A 17 1.62 8.71 -43.54
C PRO A 17 1.22 10.12 -43.99
N ALA A 18 0.86 10.24 -45.26
CA ALA A 18 0.48 11.51 -45.87
C ALA A 18 -0.64 12.24 -45.14
N ASP A 19 -1.58 11.48 -44.58
CA ASP A 19 -2.69 12.08 -43.85
C ASP A 19 -2.37 12.51 -42.42
N LYS A 20 -1.11 12.44 -42.03
CA LYS A 20 -0.71 12.85 -40.69
C LYS A 20 0.17 14.07 -40.75
N LEU A 21 0.05 14.92 -39.73
CA LEU A 21 0.80 16.17 -39.63
C LEU A 21 2.14 16.09 -38.90
N TRP A 22 2.48 14.93 -38.35
CA TRP A 22 3.75 14.78 -37.62
C TRP A 22 4.94 14.62 -38.55
N GLY A 23 6.14 14.86 -38.03
CA GLY A 23 7.33 14.74 -38.86
C GLY A 23 8.19 13.50 -38.69
N ALA A 24 9.45 13.64 -39.07
CA ALA A 24 10.42 12.55 -39.02
C ALA A 24 10.74 12.09 -37.60
N GLN A 25 10.96 13.03 -36.69
CA GLN A 25 11.28 12.67 -35.31
C GLN A 25 10.19 11.83 -34.63
N THR A 26 8.93 12.22 -34.84
CA THR A 26 7.80 11.50 -34.25
C THR A 26 7.73 10.09 -34.85
N GLN A 27 7.93 9.99 -36.15
CA GLN A 27 7.90 8.69 -36.84
C GLN A 27 9.00 7.75 -36.30
N ARG A 28 10.20 8.30 -36.09
CA ARG A 28 11.30 7.50 -35.57
C ARG A 28 10.98 6.97 -34.17
N SER A 29 10.38 7.82 -33.34
CA SER A 29 10.00 7.46 -31.97
C SER A 29 8.91 6.38 -31.98
N LEU A 30 7.99 6.51 -32.93
CA LEU A 30 6.89 5.58 -33.08
C LEU A 30 7.44 4.16 -33.31
N GLU A 31 8.58 4.07 -33.98
CA GLU A 31 9.22 2.78 -34.25
C GLU A 31 10.15 2.31 -33.12
N HIS A 32 10.72 3.26 -32.38
CA HIS A 32 11.65 2.92 -31.29
C HIS A 32 11.04 2.69 -29.91
N PHE A 33 9.88 3.28 -29.66
CA PHE A 33 9.22 3.13 -28.36
C PHE A 33 7.84 2.51 -28.45
N ARG A 34 7.79 1.24 -28.87
CA ARG A 34 6.53 0.52 -29.00
C ARG A 34 6.25 -0.25 -27.72
N ILE A 35 6.08 0.51 -26.64
CA ILE A 35 5.87 -0.06 -25.32
C ILE A 35 4.45 0.15 -24.79
N SER A 36 3.76 -0.97 -24.54
CA SER A 36 2.41 -0.98 -24.02
C SER A 36 1.39 -0.17 -24.83
N THR A 37 0.33 0.30 -24.17
CA THR A 37 -0.75 1.05 -24.84
C THR A 37 -1.01 2.47 -24.35
N GLU A 38 -0.30 2.90 -23.31
CA GLU A 38 -0.48 4.25 -22.74
C GLU A 38 0.13 5.34 -23.59
N LYS A 39 -0.66 6.37 -23.90
CA LYS A 39 -0.21 7.53 -24.69
C LYS A 39 -0.39 8.76 -23.79
N MET A 40 0.07 9.91 -24.25
CA MET A 40 -0.08 11.15 -23.49
C MET A 40 -1.57 11.47 -23.34
N PRO A 41 -2.01 11.86 -22.13
CA PRO A 41 -3.44 12.18 -21.97
C PRO A 41 -3.80 13.53 -22.61
N THR A 42 -5.06 13.66 -23.02
CA THR A 42 -5.52 14.89 -23.68
C THR A 42 -5.20 16.18 -22.91
N SER A 43 -5.35 16.15 -21.59
CA SER A 43 -5.08 17.33 -20.77
C SER A 43 -3.63 17.83 -20.92
N LEU A 44 -2.71 16.87 -21.03
CA LEU A 44 -1.30 17.17 -21.19
C LEU A 44 -1.04 17.71 -22.60
N ILE A 45 -1.72 17.14 -23.59
CA ILE A 45 -1.58 17.58 -24.97
C ILE A 45 -2.01 19.04 -25.07
N HIS A 46 -3.11 19.39 -24.42
CA HIS A 46 -3.61 20.76 -24.44
C HIS A 46 -2.66 21.72 -23.74
N ALA A 47 -2.12 21.28 -22.60
CA ALA A 47 -1.20 22.10 -21.81
C ALA A 47 0.07 22.41 -22.63
N LEU A 48 0.48 21.45 -23.45
CA LEU A 48 1.65 21.60 -24.31
C LEU A 48 1.35 22.62 -25.42
N ALA A 49 0.18 22.50 -26.04
CA ALA A 49 -0.22 23.45 -27.08
C ALA A 49 -0.30 24.86 -26.48
N LEU A 50 -0.83 24.98 -25.26
CA LEU A 50 -0.93 26.27 -24.60
C LEU A 50 0.45 26.87 -24.33
N THR A 51 1.41 26.02 -24.01
CA THR A 51 2.76 26.48 -23.74
C THR A 51 3.35 27.05 -25.03
N LYS A 52 3.11 26.37 -26.15
CA LYS A 52 3.61 26.80 -27.45
C LYS A 52 2.93 28.10 -27.90
N ARG A 53 1.62 28.21 -27.63
CA ARG A 53 0.87 29.41 -27.99
C ARG A 53 1.41 30.64 -27.27
N ALA A 54 1.64 30.50 -25.96
CA ALA A 54 2.17 31.58 -25.16
C ALA A 54 3.60 31.96 -25.58
N ALA A 55 4.42 30.96 -25.89
CA ALA A 55 5.81 31.22 -26.32
C ALA A 55 5.85 32.03 -27.62
N ALA A 56 4.91 31.73 -28.52
CA ALA A 56 4.82 32.43 -29.80
C ALA A 56 4.49 33.91 -29.61
N LYS A 57 3.54 34.21 -28.72
CA LYS A 57 3.13 35.58 -28.45
C LYS A 57 4.28 36.43 -27.89
N VAL A 58 5.01 35.88 -26.94
CA VAL A 58 6.13 36.59 -26.31
C VAL A 58 7.29 36.78 -27.30
N ASN A 59 7.61 35.73 -28.05
CA ASN A 59 8.69 35.83 -29.03
C ASN A 59 8.31 36.94 -30.01
N GLU A 60 7.04 36.98 -30.38
CA GLU A 60 6.53 37.99 -31.29
C GLU A 60 6.70 39.37 -30.67
N ASP A 61 6.28 39.51 -29.42
CA ASP A 61 6.38 40.78 -28.68
C ASP A 61 7.83 41.27 -28.55
N LEU A 62 8.76 40.35 -28.35
CA LEU A 62 10.17 40.72 -28.21
C LEU A 62 10.82 40.99 -29.56
N GLY A 63 10.08 40.75 -30.64
CA GLY A 63 10.60 40.99 -31.96
C GLY A 63 11.49 39.86 -32.46
N LEU A 64 11.30 38.67 -31.90
CA LEU A 64 12.08 37.50 -32.29
C LEU A 64 11.37 36.65 -33.32
N LEU A 65 10.08 36.88 -33.50
CA LEU A 65 9.30 36.11 -34.46
C LEU A 65 8.35 37.04 -35.21
N SER A 66 8.16 36.78 -36.50
CA SER A 66 7.30 37.59 -37.35
C SER A 66 5.83 37.36 -37.02
N GLU A 67 5.03 38.41 -37.15
CA GLU A 67 3.59 38.31 -36.87
C GLU A 67 2.93 37.20 -37.67
N GLU A 68 3.26 37.09 -38.96
CA GLU A 68 2.66 36.06 -39.82
C GLU A 68 2.88 34.65 -39.27
N LYS A 69 4.08 34.39 -38.77
CA LYS A 69 4.38 33.07 -38.23
C LYS A 69 3.81 32.88 -36.84
N ALA A 70 3.99 33.87 -35.98
CA ALA A 70 3.49 33.82 -34.62
C ALA A 70 1.98 33.57 -34.61
N SER A 71 1.24 34.38 -35.36
CA SER A 71 -0.21 34.24 -35.42
C SER A 71 -0.66 32.89 -35.99
N ALA A 72 0.10 32.37 -36.94
CA ALA A 72 -0.22 31.09 -37.56
C ALA A 72 0.00 29.95 -36.56
N ILE A 73 1.05 30.06 -35.76
CA ILE A 73 1.37 29.04 -34.77
C ILE A 73 0.28 29.02 -33.69
N ARG A 74 -0.17 30.20 -33.29
CA ARG A 74 -1.22 30.31 -32.28
C ARG A 74 -2.54 29.74 -32.80
N GLN A 75 -2.82 29.96 -34.08
CA GLN A 75 -4.04 29.45 -34.70
C GLN A 75 -3.99 27.94 -34.77
N ALA A 76 -2.83 27.39 -35.09
CA ALA A 76 -2.66 25.94 -35.15
C ALA A 76 -2.82 25.36 -33.74
N ALA A 77 -2.27 26.07 -32.75
CA ALA A 77 -2.35 25.64 -31.35
C ALA A 77 -3.82 25.57 -30.92
N ASP A 78 -4.59 26.59 -31.26
CA ASP A 78 -6.01 26.64 -30.92
C ASP A 78 -6.81 25.48 -31.52
N GLU A 79 -6.39 24.99 -32.68
CA GLU A 79 -7.08 23.88 -33.33
C GLU A 79 -6.90 22.60 -32.52
N VAL A 80 -5.73 22.47 -31.89
CA VAL A 80 -5.44 21.31 -31.04
C VAL A 80 -6.37 21.41 -29.82
N LEU A 81 -6.47 22.60 -29.24
CA LEU A 81 -7.33 22.82 -28.06
C LEU A 81 -8.80 22.52 -28.39
N ALA A 82 -9.16 22.72 -29.65
CA ALA A 82 -10.52 22.50 -30.12
C ALA A 82 -10.79 21.03 -30.44
N GLY A 83 -9.82 20.16 -30.19
CA GLY A 83 -9.99 18.74 -30.43
C GLY A 83 -9.94 18.34 -31.89
N GLN A 84 -9.29 19.16 -32.71
CA GLN A 84 -9.20 18.87 -34.14
C GLN A 84 -8.03 17.96 -34.53
N HIS A 85 -7.08 17.76 -33.62
CA HIS A 85 -5.92 16.95 -33.93
C HIS A 85 -5.56 15.86 -32.92
N ASP A 86 -6.56 15.20 -32.35
CA ASP A 86 -6.31 14.17 -31.35
C ASP A 86 -5.50 12.97 -31.85
N ASP A 87 -5.66 12.63 -33.12
CA ASP A 87 -4.98 11.49 -33.72
C ASP A 87 -3.54 11.81 -34.17
N GLU A 88 -3.10 13.04 -33.94
CA GLU A 88 -1.75 13.46 -34.34
C GLU A 88 -0.66 13.24 -33.29
N PHE A 89 -1.02 12.64 -32.16
CA PHE A 89 -0.07 12.38 -31.07
C PHE A 89 -0.11 10.91 -30.69
N PRO A 90 0.55 10.06 -31.47
CA PRO A 90 0.56 8.62 -31.20
C PRO A 90 1.63 8.09 -30.24
N LEU A 91 2.48 8.97 -29.73
CA LEU A 91 3.56 8.57 -28.85
C LEU A 91 3.20 8.00 -27.49
N ALA A 92 3.90 6.93 -27.13
CA ALA A 92 3.71 6.26 -25.86
C ALA A 92 4.29 7.11 -24.74
N ILE A 93 3.78 6.88 -23.53
CA ILE A 93 4.24 7.56 -22.33
C ILE A 93 5.70 7.11 -22.10
N TRP A 94 5.96 5.84 -22.37
CA TRP A 94 7.27 5.21 -22.17
C TRP A 94 8.28 5.55 -23.26
N GLN A 95 8.75 6.80 -23.22
CA GLN A 95 9.71 7.34 -24.18
C GLN A 95 10.88 7.95 -23.40
N THR A 96 11.54 8.94 -23.98
CA THR A 96 12.64 9.65 -23.34
C THR A 96 12.11 10.30 -22.06
N GLY A 97 12.87 10.19 -20.98
CA GLY A 97 12.47 10.73 -19.69
C GLY A 97 12.26 12.23 -19.58
N SER A 98 12.73 12.97 -20.57
CA SER A 98 12.57 14.42 -20.54
C SER A 98 11.32 14.86 -21.29
N GLY A 99 10.73 13.92 -22.03
CA GLY A 99 9.55 14.22 -22.82
C GLY A 99 9.91 14.92 -24.12
N THR A 100 11.16 14.77 -24.56
CA THR A 100 11.66 15.38 -25.79
C THR A 100 10.83 14.95 -27.00
N GLN A 101 10.50 13.67 -27.06
CA GLN A 101 9.71 13.11 -28.14
C GLN A 101 8.38 13.84 -28.29
N SER A 102 7.68 14.01 -27.18
CA SER A 102 6.40 14.72 -27.20
C SER A 102 6.54 16.21 -27.50
N ASN A 103 7.66 16.82 -27.10
CA ASN A 103 7.90 18.23 -27.38
C ASN A 103 8.06 18.35 -28.90
N MET A 104 8.79 17.41 -29.48
CA MET A 104 9.00 17.41 -30.92
C MET A 104 7.74 17.07 -31.70
N ASN A 105 6.92 16.19 -31.15
CA ASN A 105 5.65 15.80 -31.77
C ASN A 105 4.79 17.07 -31.94
N MET A 106 4.76 17.92 -30.91
CA MET A 106 4.00 19.16 -30.92
C MET A 106 4.63 20.17 -31.90
N ASN A 107 5.96 20.25 -31.89
CA ASN A 107 6.67 21.17 -32.77
C ASN A 107 6.43 20.87 -34.26
N GLU A 108 6.46 19.60 -34.62
CA GLU A 108 6.25 19.18 -36.01
C GLU A 108 4.80 19.39 -36.45
N VAL A 109 3.85 18.96 -35.62
CA VAL A 109 2.43 19.12 -35.92
C VAL A 109 2.06 20.60 -36.07
N LEU A 110 2.55 21.43 -35.17
CA LEU A 110 2.30 22.86 -35.21
C LEU A 110 2.94 23.56 -36.41
N ALA A 111 4.16 23.16 -36.76
CA ALA A 111 4.86 23.75 -37.89
C ALA A 111 4.17 23.38 -39.21
N ASN A 112 3.94 22.09 -39.40
CA ASN A 112 3.28 21.60 -40.62
C ASN A 112 1.92 22.25 -40.84
N ARG A 113 1.12 22.33 -39.77
CA ARG A 113 -0.20 22.94 -39.87
C ARG A 113 -0.12 24.46 -40.09
N ALA A 114 0.79 25.12 -39.38
CA ALA A 114 0.97 26.56 -39.52
C ALA A 114 1.43 26.89 -40.95
N SER A 115 2.11 25.94 -41.59
CA SER A 115 2.57 26.14 -42.95
C SER A 115 1.32 26.25 -43.84
N GLU A 116 0.48 25.22 -43.78
CA GLU A 116 -0.77 25.20 -44.55
C GLU A 116 -1.59 26.46 -44.29
N LEU A 117 -1.67 26.87 -43.02
CA LEU A 117 -2.43 28.05 -42.63
C LEU A 117 -1.90 29.30 -43.32
N LEU A 118 -0.65 29.25 -43.77
CA LEU A 118 -0.04 30.38 -44.47
C LEU A 118 -0.01 30.11 -45.97
N GLY A 119 -1.00 29.39 -46.46
CA GLY A 119 -1.06 29.08 -47.88
C GLY A 119 0.10 28.20 -48.30
N GLY A 120 0.72 27.54 -47.34
CA GLY A 120 1.83 26.67 -47.62
C GLY A 120 1.41 25.22 -47.63
N VAL A 121 2.39 24.33 -47.63
CA VAL A 121 2.16 22.90 -47.66
C VAL A 121 2.81 22.20 -46.45
N ARG A 122 2.26 21.06 -46.05
CA ARG A 122 2.82 20.30 -44.93
C ARG A 122 4.01 19.50 -45.43
N GLY A 123 4.96 19.25 -44.53
CA GLY A 123 6.13 18.48 -44.89
C GLY A 123 7.37 19.29 -45.15
N MET A 124 8.33 18.63 -45.78
CA MET A 124 9.64 19.20 -46.14
C MET A 124 9.70 20.62 -46.74
N GLU A 125 8.70 21.00 -47.52
CA GLU A 125 8.68 22.33 -48.14
C GLU A 125 7.94 23.38 -47.31
N ARG A 126 7.73 23.10 -46.02
CA ARG A 126 7.01 24.00 -45.12
C ARG A 126 7.59 25.40 -44.92
N LYS A 127 6.68 26.35 -44.70
CA LYS A 127 7.04 27.75 -44.50
C LYS A 127 7.36 28.03 -43.02
N VAL A 128 6.87 27.17 -42.14
CA VAL A 128 7.12 27.31 -40.70
C VAL A 128 7.99 26.13 -40.30
N HIS A 129 9.01 26.40 -39.49
CA HIS A 129 9.96 25.38 -39.05
C HIS A 129 9.78 24.95 -37.60
N PRO A 130 9.63 23.64 -37.36
CA PRO A 130 9.46 23.07 -36.02
C PRO A 130 10.51 23.49 -35.00
N ASN A 131 11.78 23.38 -35.36
CA ASN A 131 12.86 23.73 -34.45
C ASN A 131 13.19 25.22 -34.40
N ASP A 132 13.40 25.83 -35.56
CA ASP A 132 13.75 27.25 -35.58
C ASP A 132 12.61 28.21 -35.22
N ASP A 133 11.38 27.86 -35.59
CA ASP A 133 10.22 28.73 -35.32
C ASP A 133 9.40 28.37 -34.09
N VAL A 134 8.76 27.21 -34.14
CA VAL A 134 7.90 26.75 -33.06
C VAL A 134 8.64 26.57 -31.73
N ASN A 135 9.86 26.03 -31.79
CA ASN A 135 10.66 25.78 -30.58
C ASN A 135 11.60 26.93 -30.26
N LYS A 136 11.32 28.11 -30.81
CA LYS A 136 12.16 29.27 -30.58
C LYS A 136 12.19 29.72 -29.11
N SER A 137 13.40 29.90 -28.60
CA SER A 137 13.68 30.31 -27.22
C SER A 137 13.40 29.22 -26.19
N GLN A 138 13.16 28.00 -26.66
CA GLN A 138 12.83 26.89 -25.78
C GLN A 138 13.79 25.70 -25.82
N SER A 139 13.47 24.72 -25.00
CA SER A 139 14.25 23.48 -24.87
C SER A 139 13.27 22.46 -24.29
N SER A 140 13.37 21.21 -24.71
CA SER A 140 12.50 20.15 -24.20
C SER A 140 12.58 20.16 -22.68
N ASN A 141 13.75 20.49 -22.16
CA ASN A 141 14.03 20.53 -20.73
C ASN A 141 13.14 21.46 -19.91
N ASP A 142 12.87 22.67 -20.41
CA ASP A 142 12.02 23.58 -19.65
C ASP A 142 10.58 23.62 -20.16
N VAL A 143 10.35 23.11 -21.38
CA VAL A 143 9.01 23.09 -21.95
C VAL A 143 8.15 21.97 -21.36
N PHE A 144 8.67 20.75 -21.29
CA PHE A 144 7.88 19.64 -20.74
C PHE A 144 7.44 19.87 -19.28
N PRO A 145 8.36 20.32 -18.39
CA PRO A 145 7.99 20.56 -16.99
C PRO A 145 6.89 21.64 -16.87
N THR A 146 6.97 22.63 -17.75
CA THR A 146 5.99 23.72 -17.80
C THR A 146 4.62 23.16 -18.18
N ALA A 147 4.59 22.34 -19.22
CA ALA A 147 3.36 21.70 -19.68
C ALA A 147 2.75 20.83 -18.57
N MET A 148 3.61 20.17 -17.80
CA MET A 148 3.19 19.30 -16.70
C MET A 148 2.47 20.11 -15.61
N HIS A 149 3.03 21.26 -15.25
CA HIS A 149 2.44 22.12 -14.23
C HIS A 149 1.15 22.77 -14.68
N VAL A 150 1.10 23.15 -15.96
CA VAL A 150 -0.10 23.79 -16.49
C VAL A 150 -1.25 22.79 -16.46
N ALA A 151 -0.99 21.57 -16.90
CA ALA A 151 -2.02 20.53 -16.92
C ALA A 151 -2.44 20.18 -15.50
N ALA A 152 -1.46 20.06 -14.60
CA ALA A 152 -1.71 19.72 -13.20
C ALA A 152 -2.55 20.77 -12.48
N LEU A 153 -2.10 22.02 -12.49
CA LEU A 153 -2.83 23.10 -11.83
C LEU A 153 -4.26 23.23 -12.36
N LEU A 154 -4.42 23.20 -13.68
CA LEU A 154 -5.74 23.32 -14.29
C LEU A 154 -6.68 22.15 -13.97
N ALA A 155 -6.15 20.93 -13.92
CA ALA A 155 -6.97 19.77 -13.59
C ALA A 155 -7.45 19.85 -12.14
N LEU A 156 -6.60 20.31 -11.25
CA LEU A 156 -6.96 20.45 -9.84
C LEU A 156 -8.01 21.53 -9.61
N ARG A 157 -7.79 22.71 -10.17
CA ARG A 157 -8.71 23.83 -10.02
C ARG A 157 -10.04 23.65 -10.75
N LYS A 158 -9.98 23.17 -12.00
CA LYS A 158 -11.18 22.98 -12.82
C LYS A 158 -11.97 21.69 -12.63
N GLN A 159 -11.27 20.57 -12.36
CA GLN A 159 -11.96 19.30 -12.19
C GLN A 159 -12.12 18.76 -10.76
N LEU A 160 -10.99 18.57 -10.08
CA LEU A 160 -10.99 18.03 -8.73
C LEU A 160 -11.71 18.87 -7.67
N ILE A 161 -11.28 20.11 -7.47
CA ILE A 161 -11.86 21.00 -6.46
C ILE A 161 -13.38 21.20 -6.54
N PRO A 162 -13.93 21.45 -7.75
CA PRO A 162 -15.40 21.63 -7.82
C PRO A 162 -16.15 20.37 -7.43
N GLN A 163 -15.69 19.21 -7.87
CA GLN A 163 -16.34 17.94 -7.55
C GLN A 163 -16.30 17.67 -6.05
N LEU A 164 -15.17 18.01 -5.43
CA LEU A 164 -14.98 17.83 -4.00
C LEU A 164 -15.98 18.70 -3.26
N LYS A 165 -16.07 19.97 -3.65
CA LYS A 165 -17.02 20.88 -3.03
C LYS A 165 -18.45 20.39 -3.16
N THR A 166 -18.81 19.86 -4.33
CA THR A 166 -20.16 19.35 -4.55
C THR A 166 -20.50 18.18 -3.62
N LEU A 167 -19.60 17.21 -3.52
CA LEU A 167 -19.81 16.04 -2.65
C LEU A 167 -19.94 16.48 -1.20
N THR A 168 -19.17 17.48 -0.79
CA THR A 168 -19.22 18.00 0.57
C THR A 168 -20.59 18.62 0.88
N GLN A 169 -21.15 19.35 -0.09
CA GLN A 169 -22.43 20.01 0.06
C GLN A 169 -23.56 18.99 0.20
N THR A 170 -23.47 17.91 -0.56
CA THR A 170 -24.47 16.86 -0.50
C THR A 170 -24.49 16.19 0.86
N LEU A 171 -23.32 15.76 1.31
CA LEU A 171 -23.21 15.08 2.61
C LEU A 171 -23.54 16.04 3.75
N ASN A 172 -23.34 17.33 3.53
CA ASN A 172 -23.64 18.31 4.56
C ASN A 172 -25.16 18.40 4.72
N GLU A 173 -25.88 18.28 3.60
CA GLU A 173 -27.35 18.33 3.60
C GLU A 173 -27.89 17.13 4.36
N LYS A 174 -27.31 15.95 4.08
CA LYS A 174 -27.71 14.69 4.72
C LYS A 174 -27.46 14.73 6.23
N SER A 175 -26.32 15.31 6.61
CA SER A 175 -25.92 15.45 8.01
C SER A 175 -27.02 16.23 8.75
N ARG A 176 -27.49 17.29 8.12
CA ARG A 176 -28.53 18.16 8.64
C ARG A 176 -29.89 17.44 8.70
N ALA A 177 -30.22 16.73 7.63
CA ALA A 177 -31.48 16.01 7.54
C ALA A 177 -31.63 14.84 8.52
N PHE A 178 -30.53 14.18 8.86
CA PHE A 178 -30.59 13.04 9.77
C PHE A 178 -30.09 13.34 11.17
N ALA A 179 -30.03 14.62 11.49
CA ALA A 179 -29.54 15.11 12.79
C ALA A 179 -30.31 14.61 14.01
N ASP A 180 -31.54 14.13 13.81
CA ASP A 180 -32.36 13.66 14.92
C ASP A 180 -32.43 12.14 15.06
N ILE A 181 -31.85 11.40 14.10
CA ILE A 181 -31.90 9.96 14.16
C ILE A 181 -30.78 9.37 15.01
N VAL A 182 -31.16 8.75 16.13
CA VAL A 182 -30.21 8.14 17.05
C VAL A 182 -29.91 6.69 16.63
N LYS A 183 -28.64 6.32 16.66
CA LYS A 183 -28.21 4.97 16.29
C LYS A 183 -27.12 4.49 17.23
N ILE A 184 -26.84 3.20 17.18
CA ILE A 184 -25.82 2.59 18.02
C ILE A 184 -24.42 2.85 17.43
N GLY A 185 -23.49 3.24 18.28
CA GLY A 185 -22.14 3.48 17.82
C GLY A 185 -21.42 2.14 17.72
N ARG A 186 -20.31 2.10 16.98
CA ARG A 186 -19.51 0.88 16.82
C ARG A 186 -18.03 1.20 16.85
N THR A 187 -17.31 0.58 17.79
CA THR A 187 -15.87 0.75 17.92
C THR A 187 -15.32 -0.68 17.93
N HIS A 188 -14.24 -0.93 17.18
CA HIS A 188 -13.65 -2.29 17.07
C HIS A 188 -14.67 -3.25 16.43
N LEU A 189 -15.70 -2.70 15.79
CA LEU A 189 -16.79 -3.46 15.17
C LEU A 189 -17.79 -3.97 16.21
N GLN A 190 -17.60 -3.55 17.46
CA GLN A 190 -18.47 -3.96 18.56
C GLN A 190 -19.45 -2.85 18.94
N ASP A 191 -20.58 -3.25 19.51
CA ASP A 191 -21.60 -2.29 19.94
C ASP A 191 -21.04 -1.31 20.98
N ALA A 192 -21.23 -0.02 20.73
CA ALA A 192 -20.74 1.02 21.63
C ALA A 192 -21.88 1.99 21.96
N THR A 193 -21.56 3.11 22.59
CA THR A 193 -22.56 4.10 22.95
C THR A 193 -23.17 4.80 21.73
N PRO A 194 -24.40 5.31 21.86
CA PRO A 194 -25.13 6.00 20.78
C PRO A 194 -24.63 7.36 20.31
N LEU A 195 -24.95 7.66 19.06
CA LEU A 195 -24.66 8.94 18.42
C LEU A 195 -25.73 9.05 17.35
N THR A 196 -25.90 10.22 16.75
CA THR A 196 -26.93 10.36 15.72
C THR A 196 -26.33 10.14 14.34
N LEU A 197 -27.14 9.64 13.41
CA LEU A 197 -26.68 9.41 12.04
C LEU A 197 -26.09 10.71 11.49
N GLY A 198 -26.71 11.83 11.86
CA GLY A 198 -26.24 13.13 11.43
C GLY A 198 -24.82 13.45 11.91
N GLN A 199 -24.51 13.10 13.17
CA GLN A 199 -23.18 13.35 13.73
C GLN A 199 -22.18 12.46 13.00
N GLU A 200 -22.58 11.22 12.73
CA GLU A 200 -21.71 10.28 12.05
C GLU A 200 -21.37 10.79 10.63
N ILE A 201 -22.35 11.35 9.94
CA ILE A 201 -22.14 11.88 8.60
C ILE A 201 -21.33 13.18 8.64
N SER A 202 -21.46 13.94 9.73
CA SER A 202 -20.71 15.19 9.85
C SER A 202 -19.20 14.91 9.91
N GLY A 203 -18.86 13.69 10.35
CA GLY A 203 -17.47 13.28 10.42
C GLY A 203 -16.92 13.18 9.01
N TRP A 204 -17.72 12.63 8.10
CA TRP A 204 -17.34 12.51 6.69
C TRP A 204 -17.16 13.91 6.10
N VAL A 205 -18.10 14.80 6.41
CA VAL A 205 -18.05 16.19 5.93
C VAL A 205 -16.77 16.88 6.38
N ALA A 206 -16.43 16.76 7.66
CA ALA A 206 -15.23 17.39 8.19
C ALA A 206 -13.97 16.85 7.50
N MET A 207 -13.98 15.58 7.13
CA MET A 207 -12.86 14.95 6.45
C MET A 207 -12.65 15.63 5.09
N LEU A 208 -13.72 15.81 4.33
CA LEU A 208 -13.61 16.44 3.01
C LEU A 208 -13.19 17.92 3.07
N GLU A 209 -13.67 18.63 4.10
CA GLU A 209 -13.31 20.03 4.28
C GLU A 209 -11.82 20.18 4.58
N HIS A 210 -11.28 19.28 5.41
CA HIS A 210 -9.87 19.32 5.73
C HIS A 210 -9.05 19.01 4.46
N ASN A 211 -9.47 18.00 3.70
CA ASN A 211 -8.77 17.64 2.49
C ASN A 211 -8.68 18.80 1.49
N LEU A 212 -9.76 19.57 1.36
CA LEU A 212 -9.79 20.72 0.46
C LEU A 212 -8.67 21.71 0.78
N LYS A 213 -8.52 22.05 2.05
CA LYS A 213 -7.47 22.99 2.45
C LYS A 213 -6.07 22.40 2.21
N HIS A 214 -5.88 21.10 2.43
CA HIS A 214 -4.59 20.48 2.19
C HIS A 214 -4.21 20.56 0.71
N ILE A 215 -5.20 20.35 -0.15
CA ILE A 215 -5.00 20.41 -1.60
C ILE A 215 -4.69 21.84 -2.03
N GLU A 216 -5.33 22.81 -1.39
CA GLU A 216 -5.12 24.23 -1.70
C GLU A 216 -3.71 24.68 -1.33
N TYR A 217 -3.16 24.13 -0.25
CA TYR A 217 -1.82 24.49 0.20
C TYR A 217 -0.75 24.03 -0.79
N SER A 218 -1.07 23.05 -1.62
CA SER A 218 -0.13 22.51 -2.58
C SER A 218 -0.09 23.24 -3.91
N LEU A 219 -1.10 24.06 -4.19
CA LEU A 219 -1.19 24.79 -5.47
C LEU A 219 -0.10 25.82 -5.76
N PRO A 220 0.35 26.59 -4.75
CA PRO A 220 1.39 27.59 -5.04
C PRO A 220 2.69 27.05 -5.65
N HIS A 221 3.14 25.89 -5.18
CA HIS A 221 4.37 25.30 -5.71
C HIS A 221 4.17 24.80 -7.14
N VAL A 222 2.97 24.29 -7.42
CA VAL A 222 2.61 23.77 -8.75
C VAL A 222 2.47 24.92 -9.78
N ALA A 223 2.15 26.12 -9.31
CA ALA A 223 1.97 27.28 -10.18
C ALA A 223 3.29 27.88 -10.69
N GLU A 224 4.41 27.44 -10.12
CA GLU A 224 5.72 27.93 -10.54
C GLU A 224 6.11 27.26 -11.86
N LEU A 225 6.47 28.05 -12.86
CA LEU A 225 6.84 27.52 -14.18
C LEU A 225 8.34 27.53 -14.50
N ALA A 226 8.77 26.50 -15.21
CA ALA A 226 10.17 26.34 -15.59
C ALA A 226 10.60 27.11 -16.85
N LEU A 227 9.63 27.48 -17.70
CA LEU A 227 9.93 28.20 -18.94
C LEU A 227 10.88 29.39 -18.77
N GLY A 228 12.00 29.34 -19.48
CA GLY A 228 12.99 30.39 -19.39
C GLY A 228 14.28 29.81 -18.83
N GLY A 229 14.16 28.67 -18.15
CA GLY A 229 15.31 27.99 -17.57
C GLY A 229 16.19 27.44 -18.67
N THR A 230 15.57 27.16 -19.80
CA THR A 230 16.29 26.66 -20.97
C THR A 230 16.95 25.28 -20.67
N ALA A 231 18.07 24.94 -21.31
CA ALA A 231 18.72 23.62 -21.13
C ALA A 231 19.12 23.13 -19.72
N VAL A 232 19.83 23.96 -18.96
CA VAL A 232 20.26 23.55 -17.61
C VAL A 232 19.76 24.46 -16.50
N GLY A 233 18.91 25.42 -16.86
CA GLY A 233 18.37 26.34 -15.87
C GLY A 233 18.98 27.72 -15.85
N THR A 234 20.08 27.93 -16.59
CA THR A 234 20.76 29.23 -16.62
C THR A 234 20.02 30.30 -17.42
N GLY A 235 19.20 29.88 -18.37
CA GLY A 235 18.47 30.83 -19.19
C GLY A 235 19.29 31.29 -20.39
N LEU A 236 20.34 30.55 -20.71
CA LEU A 236 21.20 30.89 -21.85
C LEU A 236 20.39 30.90 -23.14
N ASN A 237 20.61 31.93 -23.95
CA ASN A 237 19.93 32.10 -25.25
C ASN A 237 18.48 32.56 -25.13
N THR A 238 18.18 33.40 -24.14
CA THR A 238 16.83 33.93 -23.96
C THR A 238 16.91 35.40 -23.56
N HIS A 239 15.88 36.17 -23.91
CA HIS A 239 15.83 37.58 -23.55
C HIS A 239 15.47 37.60 -22.06
N PRO A 240 16.10 38.49 -21.27
CA PRO A 240 15.86 38.62 -19.83
C PRO A 240 14.41 38.79 -19.37
N GLU A 241 13.53 39.20 -20.28
CA GLU A 241 12.12 39.39 -19.96
C GLU A 241 11.27 38.20 -20.38
N TYR A 242 11.87 37.30 -21.15
CA TYR A 242 11.17 36.14 -21.65
C TYR A 242 10.40 35.34 -20.59
N ALA A 243 11.12 34.84 -19.57
CA ALA A 243 10.52 34.03 -18.50
C ALA A 243 9.32 34.63 -17.78
N ARG A 244 9.43 35.91 -17.41
CA ARG A 244 8.36 36.62 -16.73
C ARG A 244 7.18 36.87 -17.68
N ARG A 245 7.48 37.26 -18.91
CA ARG A 245 6.46 37.54 -19.90
C ARG A 245 5.63 36.32 -20.27
N VAL A 246 6.31 35.22 -20.53
CA VAL A 246 5.62 34.00 -20.91
C VAL A 246 4.73 33.48 -19.76
N ALA A 247 5.19 33.65 -18.52
CA ALA A 247 4.42 33.23 -17.34
C ALA A 247 3.18 34.10 -17.26
N ASP A 248 3.34 35.39 -17.53
CA ASP A 248 2.21 36.33 -17.51
C ASP A 248 1.21 35.97 -18.58
N GLU A 249 1.72 35.65 -19.77
CA GLU A 249 0.87 35.28 -20.89
C GLU A 249 0.04 34.04 -20.54
N LEU A 250 0.71 33.04 -19.98
CA LEU A 250 0.03 31.81 -19.58
C LEU A 250 -1.02 32.08 -18.50
N ALA A 251 -0.72 32.99 -17.58
CA ALA A 251 -1.67 33.33 -16.52
C ALA A 251 -2.94 33.94 -17.13
N VAL A 252 -2.74 34.84 -18.09
CA VAL A 252 -3.83 35.53 -18.77
C VAL A 252 -4.78 34.61 -19.54
N ILE A 253 -4.23 33.78 -20.42
CA ILE A 253 -5.07 32.88 -21.22
C ILE A 253 -5.67 31.69 -20.48
N THR A 254 -5.15 31.33 -19.31
CA THR A 254 -5.70 30.20 -18.58
C THR A 254 -6.50 30.69 -17.38
N CYS A 255 -6.32 31.96 -17.03
CA CYS A 255 -6.99 32.57 -15.90
C CYS A 255 -6.56 31.95 -14.55
N ALA A 256 -5.37 31.36 -14.52
CA ALA A 256 -4.81 30.75 -13.33
C ALA A 256 -3.59 31.56 -12.91
N PRO A 257 -3.28 31.61 -11.61
CA PRO A 257 -2.13 32.38 -11.11
C PRO A 257 -0.74 31.78 -11.34
N PHE A 258 -0.38 31.55 -12.60
CA PHE A 258 0.94 31.01 -12.92
C PHE A 258 2.03 32.06 -12.73
N VAL A 259 3.19 31.63 -12.24
CA VAL A 259 4.32 32.52 -12.03
C VAL A 259 5.59 31.81 -12.50
N THR A 260 6.64 32.57 -12.79
CA THR A 260 7.91 31.99 -13.21
C THR A 260 8.61 31.46 -11.93
N ALA A 261 9.13 30.23 -12.00
CA ALA A 261 9.82 29.63 -10.86
C ALA A 261 11.01 30.49 -10.44
N PRO A 262 11.07 30.87 -9.16
CA PRO A 262 12.16 31.69 -8.62
C PRO A 262 13.53 31.03 -8.81
N ASN A 263 13.57 29.71 -8.72
CA ASN A 263 14.83 28.97 -8.93
C ASN A 263 14.59 27.90 -9.99
N LYS A 264 15.12 28.18 -11.18
CA LYS A 264 14.99 27.30 -12.33
C LYS A 264 15.74 25.97 -12.20
N PHE A 265 16.74 25.92 -11.33
CA PHE A 265 17.52 24.71 -11.13
C PHE A 265 16.67 23.69 -10.39
N GLU A 266 15.96 24.18 -9.37
CA GLU A 266 15.06 23.33 -8.60
C GLU A 266 13.95 22.86 -9.55
N ALA A 267 13.48 23.78 -10.40
CA ALA A 267 12.42 23.49 -11.35
C ALA A 267 12.79 22.40 -12.37
N LEU A 268 14.01 22.47 -12.90
CA LEU A 268 14.45 21.49 -13.89
C LEU A 268 14.94 20.15 -13.35
N ALA A 269 15.64 20.20 -12.22
CA ALA A 269 16.21 19.01 -11.61
C ALA A 269 15.26 18.11 -10.80
N THR A 270 14.06 18.61 -10.49
CA THR A 270 13.11 17.85 -9.68
C THR A 270 11.65 17.89 -10.18
N CYS A 271 10.82 17.08 -9.51
CA CYS A 271 9.38 16.99 -9.74
C CYS A 271 8.76 17.17 -8.36
N ASP A 272 9.47 17.88 -7.48
CA ASP A 272 9.05 18.10 -6.09
C ASP A 272 7.63 18.61 -5.86
N ALA A 273 7.20 19.58 -6.67
CA ALA A 273 5.85 20.15 -6.54
C ALA A 273 4.79 19.07 -6.72
N LEU A 274 5.03 18.16 -7.66
CA LEU A 274 4.08 17.09 -7.93
C LEU A 274 4.13 15.97 -6.88
N VAL A 275 5.32 15.71 -6.34
CA VAL A 275 5.46 14.68 -5.31
C VAL A 275 4.64 15.16 -4.09
N GLN A 276 4.75 16.45 -3.77
CA GLN A 276 4.03 17.05 -2.65
C GLN A 276 2.53 17.15 -2.93
N ALA A 277 2.16 17.66 -4.09
CA ALA A 277 0.74 17.79 -4.43
C ALA A 277 0.05 16.44 -4.42
N HIS A 278 0.77 15.40 -4.84
CA HIS A 278 0.18 14.07 -4.85
C HIS A 278 0.04 13.48 -3.44
N GLY A 279 0.83 13.98 -2.49
CA GLY A 279 0.74 13.52 -1.11
C GLY A 279 -0.64 13.86 -0.57
N ALA A 280 -1.15 15.02 -0.97
CA ALA A 280 -2.48 15.47 -0.58
C ALA A 280 -3.56 14.63 -1.28
N LEU A 281 -3.25 14.14 -2.47
CA LEU A 281 -4.21 13.32 -3.21
C LEU A 281 -4.39 11.94 -2.58
N LYS A 282 -3.29 11.28 -2.19
CA LYS A 282 -3.40 9.97 -1.55
C LYS A 282 -4.07 10.15 -0.18
N GLY A 283 -3.92 11.36 0.37
CA GLY A 283 -4.56 11.69 1.63
C GLY A 283 -6.06 11.66 1.40
N LEU A 284 -6.51 12.26 0.30
CA LEU A 284 -7.94 12.27 -0.05
C LEU A 284 -8.43 10.84 -0.32
N ALA A 285 -7.61 10.01 -0.96
CA ALA A 285 -7.98 8.62 -1.26
C ALA A 285 -8.20 7.78 0.00
N ALA A 286 -7.42 8.03 1.04
CA ALA A 286 -7.57 7.31 2.30
C ALA A 286 -8.91 7.71 2.96
N SER A 287 -9.24 9.00 2.90
CA SER A 287 -10.49 9.52 3.46
C SER A 287 -11.68 8.94 2.71
N LEU A 288 -11.65 9.01 1.38
CA LEU A 288 -12.72 8.48 0.53
C LEU A 288 -12.95 6.98 0.71
N MET A 289 -11.87 6.23 0.90
CA MET A 289 -11.97 4.78 1.12
C MET A 289 -12.81 4.48 2.39
N LYS A 290 -12.54 5.23 3.44
CA LYS A 290 -13.22 5.08 4.72
C LYS A 290 -14.72 5.40 4.58
N ILE A 291 -15.03 6.53 3.96
CA ILE A 291 -16.42 6.96 3.74
C ILE A 291 -17.17 5.91 2.92
N ALA A 292 -16.53 5.45 1.84
CA ALA A 292 -17.16 4.45 0.98
C ALA A 292 -17.40 3.14 1.71
N ASN A 293 -16.46 2.72 2.55
CA ASN A 293 -16.63 1.47 3.29
C ASN A 293 -17.78 1.55 4.32
N ASP A 294 -17.85 2.66 5.04
CA ASP A 294 -18.91 2.90 6.03
C ASP A 294 -20.26 2.77 5.36
N VAL A 295 -20.39 3.40 4.19
CA VAL A 295 -21.63 3.35 3.43
C VAL A 295 -22.04 1.92 3.07
N ARG A 296 -21.16 1.14 2.44
CA ARG A 296 -21.53 -0.21 2.07
C ARG A 296 -21.77 -1.15 3.25
N TRP A 297 -21.07 -0.93 4.36
CA TRP A 297 -21.29 -1.77 5.52
C TRP A 297 -22.63 -1.41 6.16
N LEU A 298 -22.93 -0.11 6.24
CA LEU A 298 -24.20 0.36 6.80
C LEU A 298 -25.39 -0.09 5.96
N ALA A 299 -25.18 -0.23 4.66
CA ALA A 299 -26.25 -0.65 3.76
C ALA A 299 -26.30 -2.16 3.54
N SER A 300 -25.40 -2.90 4.17
CA SER A 300 -25.33 -4.36 4.01
C SER A 300 -26.58 -5.11 4.46
N GLY A 301 -26.92 -6.16 3.71
CA GLY A 301 -28.09 -6.94 4.05
C GLY A 301 -28.62 -7.73 2.87
N PRO A 302 -29.93 -7.65 2.60
CA PRO A 302 -30.91 -6.86 3.36
C PRO A 302 -31.29 -7.40 4.74
N ARG A 303 -31.16 -8.71 4.94
CA ARG A 303 -31.57 -9.33 6.21
C ARG A 303 -30.48 -9.82 7.17
N CYS A 304 -29.33 -10.24 6.64
CA CYS A 304 -28.27 -10.78 7.48
C CYS A 304 -27.04 -9.91 7.68
N GLY A 305 -27.21 -8.59 7.55
CA GLY A 305 -26.10 -7.67 7.74
C GLY A 305 -26.42 -6.62 8.78
N ILE A 306 -26.06 -5.38 8.49
CA ILE A 306 -26.33 -4.27 9.39
C ILE A 306 -27.63 -3.59 8.96
N GLY A 307 -27.71 -3.22 7.67
CA GLY A 307 -28.90 -2.61 7.11
C GLY A 307 -29.49 -1.36 7.73
N GLU A 308 -28.65 -0.45 8.21
CA GLU A 308 -29.13 0.78 8.83
C GLU A 308 -29.60 1.81 7.82
N ILE A 309 -29.01 1.79 6.63
CA ILE A 309 -29.40 2.73 5.60
C ILE A 309 -29.72 1.97 4.32
N SER A 310 -30.24 2.70 3.34
CA SER A 310 -30.57 2.14 2.05
C SER A 310 -29.96 3.08 1.01
N ILE A 311 -29.50 2.50 -0.09
CA ILE A 311 -28.91 3.28 -1.17
C ILE A 311 -29.59 2.91 -2.48
N PRO A 312 -29.61 3.84 -3.44
CA PRO A 312 -30.27 3.54 -4.72
C PRO A 312 -29.74 2.31 -5.45
N GLU A 313 -30.67 1.52 -6.00
CA GLU A 313 -30.34 0.33 -6.77
C GLU A 313 -30.26 0.84 -8.21
N ASN A 314 -29.07 0.74 -8.81
CA ASN A 314 -28.86 1.24 -10.16
C ASN A 314 -28.84 0.19 -11.25
N GLU A 315 -28.32 -0.99 -10.96
CA GLU A 315 -28.25 -2.04 -11.96
C GLU A 315 -29.38 -3.03 -11.77
N PRO A 316 -29.83 -3.68 -12.86
CA PRO A 316 -30.93 -4.65 -12.76
C PRO A 316 -30.57 -5.84 -11.89
N GLY A 317 -31.59 -6.37 -11.23
CA GLY A 317 -31.38 -7.52 -10.36
C GLY A 317 -32.24 -8.68 -10.82
N SER A 318 -32.21 -9.76 -10.04
CA SER A 318 -33.00 -10.95 -10.34
C SER A 318 -34.36 -10.88 -9.68
N SER A 319 -35.39 -11.24 -10.44
CA SER A 319 -36.77 -11.24 -9.98
C SER A 319 -36.91 -12.10 -8.70
N ILE A 320 -36.29 -13.27 -8.72
CA ILE A 320 -36.34 -14.20 -7.60
C ILE A 320 -35.46 -13.79 -6.40
N MET A 321 -34.64 -12.76 -6.57
CA MET A 321 -33.77 -12.30 -5.49
C MET A 321 -33.91 -10.82 -5.18
N PRO A 322 -35.12 -10.38 -4.80
CA PRO A 322 -35.29 -8.96 -4.48
C PRO A 322 -34.55 -8.63 -3.18
N GLY A 323 -34.08 -7.39 -3.07
CA GLY A 323 -33.38 -6.99 -1.87
C GLY A 323 -31.86 -7.00 -2.00
N LYS A 324 -31.33 -7.88 -2.85
CA LYS A 324 -29.88 -7.92 -3.04
C LYS A 324 -29.45 -6.72 -3.88
N VAL A 325 -29.03 -5.67 -3.20
CA VAL A 325 -28.56 -4.45 -3.84
C VAL A 325 -27.06 -4.33 -3.61
N ASN A 326 -26.25 -4.74 -4.59
CA ASN A 326 -24.81 -4.62 -4.45
C ASN A 326 -24.38 -3.16 -4.51
N PRO A 327 -23.56 -2.71 -3.54
CA PRO A 327 -23.06 -1.32 -3.46
C PRO A 327 -21.96 -1.07 -4.49
N THR A 328 -22.33 -1.12 -5.76
CA THR A 328 -21.42 -0.95 -6.87
C THR A 328 -20.62 0.36 -6.95
N GLN A 329 -21.26 1.49 -6.64
CA GLN A 329 -20.53 2.76 -6.68
C GLN A 329 -19.43 2.73 -5.61
N CYS A 330 -19.72 2.09 -4.48
CA CYS A 330 -18.76 1.98 -3.40
C CYS A 330 -17.58 1.11 -3.83
N GLU A 331 -17.87 0.07 -4.60
CA GLU A 331 -16.84 -0.83 -5.08
C GLU A 331 -15.92 -0.14 -6.11
N ALA A 332 -16.50 0.66 -7.00
CA ALA A 332 -15.73 1.38 -7.99
C ALA A 332 -14.83 2.39 -7.29
N LEU A 333 -15.39 3.07 -6.28
CA LEU A 333 -14.65 4.07 -5.52
C LEU A 333 -13.50 3.50 -4.69
N THR A 334 -13.73 2.36 -4.02
CA THR A 334 -12.67 1.75 -3.23
C THR A 334 -11.53 1.24 -4.12
N MET A 335 -11.87 0.74 -5.31
CA MET A 335 -10.85 0.24 -6.24
C MET A 335 -9.96 1.38 -6.74
N LEU A 336 -10.55 2.51 -7.11
CA LEU A 336 -9.77 3.64 -7.59
C LEU A 336 -8.90 4.26 -6.49
N CYS A 337 -9.35 4.14 -5.23
CA CYS A 337 -8.57 4.66 -4.09
C CYS A 337 -7.28 3.84 -3.92
N CYS A 338 -7.36 2.52 -4.13
CA CYS A 338 -6.18 1.63 -4.06
C CYS A 338 -5.21 2.01 -5.17
N GLN A 339 -5.78 2.42 -6.30
CA GLN A 339 -5.01 2.83 -7.46
C GLN A 339 -4.21 4.11 -7.17
N VAL A 340 -4.84 5.08 -6.52
CA VAL A 340 -4.15 6.32 -6.18
C VAL A 340 -2.94 6.04 -5.27
N MET A 341 -3.10 5.10 -4.34
CA MET A 341 -2.03 4.72 -3.41
C MET A 341 -0.83 4.13 -4.18
N GLY A 342 -1.12 3.28 -5.16
CA GLY A 342 -0.05 2.70 -5.97
C GLY A 342 0.63 3.77 -6.81
N ASN A 343 -0.17 4.70 -7.33
CA ASN A 343 0.35 5.80 -8.16
C ASN A 343 1.35 6.64 -7.39
N ASP A 344 1.06 6.87 -6.12
CA ASP A 344 1.94 7.67 -5.28
C ASP A 344 3.33 7.05 -5.20
N VAL A 345 3.40 5.72 -5.02
CA VAL A 345 4.66 4.99 -4.94
C VAL A 345 5.47 5.20 -6.23
N ALA A 346 4.84 5.00 -7.38
CA ALA A 346 5.52 5.18 -8.67
C ALA A 346 6.07 6.61 -8.81
N ILE A 347 5.27 7.60 -8.41
CA ILE A 347 5.68 9.01 -8.48
C ILE A 347 6.83 9.31 -7.52
N ASN A 348 6.80 8.70 -6.34
CA ASN A 348 7.85 8.89 -5.35
C ASN A 348 9.20 8.38 -5.86
N MET A 349 9.19 7.20 -6.46
CA MET A 349 10.42 6.62 -7.01
C MET A 349 10.99 7.47 -8.14
N GLY A 350 10.13 7.93 -9.05
CA GLY A 350 10.60 8.77 -10.13
C GLY A 350 11.08 10.12 -9.61
N GLY A 351 10.36 10.66 -8.63
CA GLY A 351 10.72 11.95 -8.07
C GLY A 351 12.00 11.95 -7.25
N ALA A 352 12.37 10.81 -6.70
CA ALA A 352 13.59 10.70 -5.92
C ALA A 352 14.80 10.36 -6.80
N SER A 353 14.56 10.12 -8.09
CA SER A 353 15.61 9.72 -9.02
C SER A 353 16.23 10.71 -9.98
N GLY A 354 16.09 12.00 -9.71
CA GLY A 354 16.70 12.97 -10.60
C GLY A 354 18.22 12.93 -10.46
N ASN A 355 18.95 13.35 -11.51
CA ASN A 355 20.41 13.38 -11.47
C ASN A 355 20.90 14.71 -12.01
N PHE A 356 21.75 15.38 -11.25
CA PHE A 356 22.35 16.65 -11.62
C PHE A 356 21.33 17.73 -12.08
N GLU A 357 21.44 18.16 -13.33
CA GLU A 357 20.58 19.21 -13.86
C GLU A 357 19.17 18.87 -14.36
N LEU A 358 18.82 17.59 -14.45
CA LEU A 358 17.51 17.24 -14.97
C LEU A 358 16.92 15.92 -14.48
N ASN A 359 15.64 15.95 -14.10
CA ASN A 359 14.96 14.75 -13.70
C ASN A 359 14.38 14.16 -14.99
N VAL A 360 14.70 12.90 -15.26
CA VAL A 360 14.23 12.22 -16.47
C VAL A 360 13.25 11.05 -16.25
N PHE A 361 12.25 11.29 -15.40
CA PHE A 361 11.23 10.29 -15.11
C PHE A 361 9.88 10.98 -15.27
N ARG A 362 9.92 12.14 -15.93
CA ARG A 362 8.76 12.99 -16.13
C ARG A 362 7.49 12.44 -16.79
N PRO A 363 7.61 11.74 -17.94
CA PRO A 363 6.40 11.20 -18.58
C PRO A 363 5.62 10.25 -17.66
N MET A 364 6.36 9.44 -16.90
CA MET A 364 5.76 8.50 -15.96
C MET A 364 5.11 9.24 -14.76
N VAL A 365 5.76 10.29 -14.28
CA VAL A 365 5.24 11.06 -13.14
C VAL A 365 3.95 11.79 -13.51
N ILE A 366 3.91 12.42 -14.67
CA ILE A 366 2.72 13.14 -15.12
C ILE A 366 1.59 12.15 -15.47
N HIS A 367 1.96 10.97 -15.95
CA HIS A 367 1.00 9.94 -16.30
C HIS A 367 0.19 9.51 -15.07
N ASN A 368 0.89 9.20 -13.98
CA ASN A 368 0.25 8.78 -12.75
C ASN A 368 -0.51 9.93 -12.07
N PHE A 369 0.09 11.12 -12.07
CA PHE A 369 -0.53 12.28 -11.44
C PHE A 369 -1.87 12.63 -12.06
N LEU A 370 -1.90 12.76 -13.38
CA LEU A 370 -3.15 13.10 -14.07
C LEU A 370 -4.21 12.01 -13.94
N GLN A 371 -3.78 10.75 -13.86
CA GLN A 371 -4.72 9.66 -13.70
C GLN A 371 -5.40 9.75 -12.33
N SER A 372 -4.60 9.99 -11.29
CA SER A 372 -5.14 10.11 -9.95
C SER A 372 -6.19 11.24 -9.88
N VAL A 373 -5.89 12.37 -10.51
CA VAL A 373 -6.80 13.50 -10.54
C VAL A 373 -8.10 13.14 -11.26
N ARG A 374 -7.95 12.41 -12.36
CA ARG A 374 -9.07 11.95 -13.18
C ARG A 374 -9.94 10.99 -12.38
N LEU A 375 -9.29 10.02 -11.72
CA LEU A 375 -9.97 9.02 -10.93
C LEU A 375 -10.76 9.63 -9.79
N LEU A 376 -10.09 10.50 -9.04
CA LEU A 376 -10.71 11.15 -7.90
C LEU A 376 -11.88 12.08 -8.25
N ALA A 377 -11.71 12.90 -9.29
CA ALA A 377 -12.78 13.82 -9.70
C ALA A 377 -14.01 13.08 -10.23
N ASP A 378 -13.81 12.16 -11.17
CA ASP A 378 -14.91 11.39 -11.75
C ASP A 378 -15.53 10.45 -10.71
N GLY A 379 -14.68 9.93 -9.82
CA GLY A 379 -15.15 9.03 -8.77
C GLY A 379 -16.07 9.75 -7.79
N MET A 380 -15.70 10.96 -7.39
CA MET A 380 -16.52 11.74 -6.46
C MET A 380 -17.86 12.12 -7.12
N GLU A 381 -17.83 12.48 -8.39
CA GLU A 381 -19.04 12.84 -9.14
C GLU A 381 -19.98 11.64 -9.25
N SER A 382 -19.43 10.49 -9.62
CA SER A 382 -20.23 9.29 -9.78
C SER A 382 -20.85 8.84 -8.45
N PHE A 383 -20.04 8.82 -7.41
CA PHE A 383 -20.47 8.43 -6.07
C PHE A 383 -21.54 9.40 -5.55
N ASN A 384 -21.37 10.68 -5.87
CA ASN A 384 -22.29 11.72 -5.45
C ASN A 384 -23.65 11.54 -6.12
N LYS A 385 -23.63 11.57 -7.45
CA LYS A 385 -24.87 11.42 -8.21
C LYS A 385 -25.59 10.08 -8.07
N HIS A 386 -24.85 8.98 -8.10
CA HIS A 386 -25.47 7.66 -8.02
C HIS A 386 -25.51 6.99 -6.65
N CYS A 387 -25.18 7.71 -5.59
CA CYS A 387 -25.22 7.10 -4.27
C CYS A 387 -25.48 8.08 -3.14
N ALA A 388 -24.54 9.00 -2.90
CA ALA A 388 -24.64 9.96 -1.81
C ALA A 388 -25.95 10.75 -1.72
N VAL A 389 -26.44 11.25 -2.87
CA VAL A 389 -27.71 12.00 -2.88
C VAL A 389 -28.90 11.13 -2.52
N GLY A 390 -28.76 9.81 -2.67
CA GLY A 390 -29.85 8.91 -2.36
C GLY A 390 -29.79 8.13 -1.05
N ILE A 391 -28.89 8.49 -0.15
CA ILE A 391 -28.78 7.80 1.14
C ILE A 391 -30.00 8.09 2.02
N GLU A 392 -30.67 7.03 2.45
CA GLU A 392 -31.85 7.13 3.29
C GLU A 392 -31.76 6.15 4.47
N PRO A 393 -32.19 6.56 5.66
CA PRO A 393 -32.15 5.70 6.84
C PRO A 393 -33.31 4.72 6.93
N ASN A 394 -33.02 3.49 7.33
CA ASN A 394 -34.05 2.47 7.51
C ASN A 394 -34.41 2.63 8.99
N ARG A 395 -35.32 3.55 9.28
CA ARG A 395 -35.72 3.85 10.66
C ARG A 395 -36.12 2.69 11.57
N GLU A 396 -36.79 1.67 11.03
CA GLU A 396 -37.18 0.52 11.83
C GLU A 396 -36.00 -0.33 12.32
N ARG A 397 -35.10 -0.70 11.40
CA ARG A 397 -33.93 -1.50 11.76
C ARG A 397 -33.06 -0.72 12.75
N ILE A 398 -32.90 0.57 12.49
CA ILE A 398 -32.09 1.44 13.35
C ILE A 398 -32.62 1.39 14.79
N ASN A 399 -33.95 1.44 14.95
CA ASN A 399 -34.54 1.38 16.28
C ASN A 399 -34.50 -0.02 16.87
N GLN A 400 -34.74 -1.00 16.03
CA GLN A 400 -34.71 -2.41 16.42
C GLN A 400 -33.35 -2.73 17.05
N LEU A 401 -32.28 -2.41 16.33
CA LEU A 401 -30.93 -2.64 16.82
C LEU A 401 -30.68 -1.86 18.10
N LEU A 402 -31.06 -0.59 18.10
CA LEU A 402 -30.88 0.28 19.27
C LEU A 402 -31.51 -0.30 20.53
N ASN A 403 -32.73 -0.82 20.38
CA ASN A 403 -33.45 -1.39 21.50
C ASN A 403 -33.11 -2.85 21.76
N GLU A 404 -32.16 -3.37 20.98
CA GLU A 404 -31.73 -4.75 21.11
C GLU A 404 -30.37 -4.84 21.81
N SER A 405 -29.63 -3.73 21.82
CA SER A 405 -28.31 -3.71 22.44
C SER A 405 -28.32 -3.51 23.94
N LEU A 406 -27.31 -4.06 24.62
CA LEU A 406 -27.19 -3.94 26.06
C LEU A 406 -26.48 -2.63 26.45
N MET A 407 -26.04 -1.87 25.45
CA MET A 407 -25.34 -0.60 25.67
C MET A 407 -26.09 0.47 26.46
N LEU A 408 -27.41 0.47 26.34
CA LEU A 408 -28.25 1.45 27.01
C LEU A 408 -28.33 1.31 28.54
N VAL A 409 -27.87 0.18 29.06
CA VAL A 409 -27.89 -0.09 30.51
C VAL A 409 -27.26 1.06 31.30
N THR A 410 -26.43 1.85 30.61
CA THR A 410 -25.75 3.00 31.18
C THR A 410 -26.71 4.02 31.81
N ALA A 411 -27.83 4.26 31.14
CA ALA A 411 -28.83 5.22 31.61
C ALA A 411 -29.48 4.76 32.92
N LEU A 412 -29.45 3.45 33.17
CA LEU A 412 -30.02 2.89 34.39
C LEU A 412 -29.14 3.12 35.62
N ASN A 413 -27.83 3.18 35.41
CA ASN A 413 -26.86 3.40 36.49
C ASN A 413 -27.21 4.61 37.36
N THR A 414 -27.62 5.70 36.72
CA THR A 414 -27.98 6.94 37.41
C THR A 414 -29.25 6.78 38.26
N HIS A 415 -29.99 5.71 37.98
CA HIS A 415 -31.24 5.44 38.69
C HIS A 415 -31.17 4.17 39.53
N ILE A 416 -30.10 3.41 39.35
CA ILE A 416 -29.90 2.16 40.09
C ILE A 416 -28.41 1.82 40.08
N GLY A 417 -27.90 1.42 41.25
CA GLY A 417 -26.49 1.07 41.40
C GLY A 417 -25.84 0.28 40.28
N TYR A 418 -24.63 0.68 39.93
CA TYR A 418 -23.81 0.07 38.88
C TYR A 418 -23.99 -1.46 38.82
N ASP A 419 -23.84 -2.11 39.96
CA ASP A 419 -23.97 -3.56 40.09
C ASP A 419 -25.36 -4.10 39.72
N LYS A 420 -26.40 -3.40 40.17
CA LYS A 420 -27.77 -3.81 39.90
C LYS A 420 -28.13 -3.62 38.43
N ALA A 421 -27.76 -2.46 37.89
CA ALA A 421 -28.03 -2.17 36.48
C ALA A 421 -27.30 -3.23 35.65
N ALA A 422 -26.05 -3.50 36.01
CA ALA A 422 -25.24 -4.48 35.32
C ALA A 422 -25.82 -5.88 35.51
N GLU A 423 -26.52 -6.08 36.62
CA GLU A 423 -27.12 -7.38 36.92
C GLU A 423 -28.15 -7.79 35.87
N ILE A 424 -29.03 -6.87 35.49
CA ILE A 424 -30.03 -7.18 34.48
C ILE A 424 -29.36 -7.39 33.12
N ALA A 425 -28.30 -6.61 32.86
CA ALA A 425 -27.55 -6.71 31.61
C ALA A 425 -26.96 -8.11 31.46
N LYS A 426 -26.45 -8.65 32.56
CA LYS A 426 -25.88 -9.98 32.57
C LYS A 426 -26.95 -11.00 32.20
N LYS A 427 -28.14 -10.85 32.79
CA LYS A 427 -29.26 -11.76 32.50
C LYS A 427 -29.73 -11.66 31.06
N ALA A 428 -29.90 -10.44 30.58
CA ALA A 428 -30.35 -10.20 29.21
C ALA A 428 -29.39 -10.91 28.26
N HIS A 429 -28.11 -10.61 28.43
CA HIS A 429 -27.05 -11.18 27.62
C HIS A 429 -27.02 -12.70 27.69
N LYS A 430 -27.05 -13.23 28.91
CA LYS A 430 -27.00 -14.67 29.15
C LYS A 430 -28.24 -15.40 28.65
N GLU A 431 -29.41 -14.87 28.99
CA GLU A 431 -30.67 -15.47 28.61
C GLU A 431 -31.16 -15.10 27.22
N GLY A 432 -30.50 -14.13 26.59
CA GLY A 432 -30.89 -13.71 25.25
C GLY A 432 -32.11 -12.80 25.25
N LEU A 433 -32.33 -12.12 26.37
CA LEU A 433 -33.46 -11.21 26.52
C LEU A 433 -33.03 -9.77 26.28
N THR A 434 -34.02 -8.89 26.13
CA THR A 434 -33.77 -7.48 25.92
C THR A 434 -33.60 -6.83 27.29
N LEU A 435 -32.95 -5.66 27.34
CA LEU A 435 -32.74 -4.93 28.59
C LEU A 435 -34.03 -4.81 29.42
N LYS A 436 -35.12 -4.43 28.77
CA LYS A 436 -36.39 -4.28 29.46
C LYS A 436 -36.94 -5.62 29.94
N ALA A 437 -36.98 -6.59 29.04
CA ALA A 437 -37.48 -7.93 29.38
C ALA A 437 -36.79 -8.47 30.62
N ALA A 438 -35.46 -8.38 30.64
CA ALA A 438 -34.67 -8.86 31.77
C ALA A 438 -34.89 -7.98 33.01
N ALA A 439 -34.99 -6.67 32.81
CA ALA A 439 -35.21 -5.74 33.91
C ALA A 439 -36.53 -6.03 34.63
N LEU A 440 -37.58 -6.27 33.84
CA LEU A 440 -38.91 -6.56 34.38
C LEU A 440 -38.95 -7.97 34.99
N ALA A 441 -38.36 -8.94 34.29
CA ALA A 441 -38.31 -10.32 34.77
C ALA A 441 -37.52 -10.39 36.08
N LEU A 442 -36.56 -9.50 36.24
CA LEU A 442 -35.76 -9.45 37.46
C LEU A 442 -36.49 -8.62 38.50
N GLY A 443 -37.58 -7.98 38.06
CA GLY A 443 -38.39 -7.17 38.95
C GLY A 443 -37.70 -5.97 39.55
N TYR A 444 -36.65 -5.49 38.89
CA TYR A 444 -35.92 -4.33 39.39
C TYR A 444 -36.62 -3.00 39.07
N LEU A 445 -37.61 -3.06 38.19
CA LEU A 445 -38.37 -1.88 37.80
C LEU A 445 -39.63 -2.24 37.01
N SER A 446 -40.35 -1.21 36.57
CA SER A 446 -41.57 -1.38 35.79
C SER A 446 -41.35 -0.87 34.38
N GLU A 447 -42.23 -1.26 33.46
CA GLU A 447 -42.13 -0.84 32.07
C GLU A 447 -42.10 0.68 31.98
N ALA A 448 -43.01 1.32 32.71
CA ALA A 448 -43.12 2.78 32.72
C ALA A 448 -41.84 3.51 33.12
N GLU A 449 -41.27 3.14 34.28
CA GLU A 449 -40.04 3.79 34.74
C GLU A 449 -38.83 3.46 33.87
N PHE A 450 -38.78 2.25 33.33
CA PHE A 450 -37.66 1.86 32.47
C PHE A 450 -37.65 2.79 31.27
N ASP A 451 -38.76 2.83 30.55
CA ASP A 451 -38.91 3.66 29.37
C ASP A 451 -38.56 5.13 29.62
N SER A 452 -38.94 5.64 30.78
CA SER A 452 -38.66 7.03 31.12
C SER A 452 -37.21 7.26 31.54
N TRP A 453 -36.54 6.19 31.95
CA TRP A 453 -35.15 6.28 32.36
C TRP A 453 -34.16 6.11 31.22
N VAL A 454 -34.42 5.13 30.36
CA VAL A 454 -33.54 4.87 29.22
C VAL A 454 -33.92 5.74 28.02
N ARG A 455 -33.40 6.96 28.01
CA ARG A 455 -33.66 7.90 26.94
C ARG A 455 -32.45 7.96 26.00
N PRO A 456 -32.44 7.15 24.93
CA PRO A 456 -31.29 7.16 24.02
C PRO A 456 -31.06 8.53 23.37
N GLU A 457 -32.13 9.28 23.13
CA GLU A 457 -32.02 10.59 22.50
C GLU A 457 -31.37 11.64 23.41
N GLN A 458 -30.93 11.21 24.59
CA GLN A 458 -30.27 12.11 25.52
C GLN A 458 -28.83 11.66 25.74
N MET A 459 -28.33 10.93 24.75
CA MET A 459 -26.97 10.37 24.70
C MET A 459 -26.64 9.45 25.88
N MET B 1 30.93 2.24 33.03
CA MET B 1 32.33 2.47 33.46
C MET B 1 32.86 3.71 32.76
N ASN B 2 33.42 4.64 33.53
CA ASN B 2 33.95 5.88 32.99
C ASN B 2 35.35 5.72 32.38
N THR B 3 36.11 4.76 32.91
CA THR B 3 37.46 4.50 32.43
C THR B 3 37.48 4.08 30.97
N VAL B 4 38.42 4.64 30.23
CA VAL B 4 38.55 4.33 28.82
C VAL B 4 39.81 3.51 28.54
N ARG B 5 39.87 3.01 27.34
CA ARG B 5 41.00 2.24 26.84
C ARG B 5 41.33 2.95 25.54
N SER B 6 42.61 3.09 25.25
CA SER B 6 43.01 3.75 24.02
C SER B 6 43.22 2.70 22.93
N GLU B 7 42.39 2.74 21.91
CA GLU B 7 42.49 1.83 20.78
C GLU B 7 42.75 2.69 19.57
N LYS B 8 43.28 2.11 18.50
CA LYS B 8 43.54 2.91 17.32
C LYS B 8 43.39 2.17 16.00
N ASP B 9 43.27 2.96 14.94
CA ASP B 9 43.15 2.45 13.58
C ASP B 9 44.00 3.35 12.69
N SER B 10 43.88 3.17 11.38
CA SER B 10 44.65 3.96 10.40
C SER B 10 44.47 5.47 10.57
N MET B 11 43.33 5.85 11.12
CA MET B 11 43.01 7.25 11.32
C MET B 11 43.56 7.82 12.63
N GLY B 12 44.04 6.94 13.51
CA GLY B 12 44.58 7.40 14.77
C GLY B 12 43.98 6.69 15.97
N ALA B 13 44.14 7.30 17.15
CA ALA B 13 43.64 6.73 18.39
C ALA B 13 42.31 7.33 18.85
N ILE B 14 41.52 6.53 19.56
CA ILE B 14 40.23 6.95 20.06
C ILE B 14 39.92 6.19 21.34
N ASP B 15 39.26 6.85 22.27
CA ASP B 15 38.91 6.23 23.53
C ASP B 15 37.71 5.31 23.43
N VAL B 16 37.86 4.11 23.96
CA VAL B 16 36.80 3.12 23.96
C VAL B 16 36.54 2.74 25.42
N PRO B 17 35.26 2.67 25.84
CA PRO B 17 34.99 2.31 27.23
C PRO B 17 35.70 1.01 27.59
N ALA B 18 36.41 1.02 28.71
CA ALA B 18 37.20 -0.13 29.17
C ALA B 18 36.46 -1.46 29.31
N ASP B 19 35.20 -1.42 29.70
CA ASP B 19 34.43 -2.65 29.88
C ASP B 19 33.84 -3.24 28.59
N LYS B 20 34.12 -2.59 27.46
CA LYS B 20 33.60 -3.06 26.17
C LYS B 20 34.64 -3.80 25.34
N LEU B 21 34.18 -4.76 24.54
CA LEU B 21 35.05 -5.57 23.69
C LEU B 21 35.28 -5.08 22.26
N TRP B 22 34.60 -4.01 21.87
CA TRP B 22 34.77 -3.48 20.51
C TRP B 22 36.02 -2.62 20.41
N GLY B 23 36.41 -2.27 19.20
CA GLY B 23 37.60 -1.47 19.02
C GLY B 23 37.41 -0.08 18.45
N ALA B 24 38.47 0.43 17.84
CA ALA B 24 38.51 1.78 17.26
C ALA B 24 37.47 2.07 16.20
N GLN B 25 37.29 1.15 15.26
CA GLN B 25 36.33 1.37 14.19
C GLN B 25 34.88 1.40 14.62
N THR B 26 34.52 0.57 15.58
CA THR B 26 33.16 0.55 16.08
C THR B 26 32.87 1.85 16.85
N GLN B 27 33.87 2.36 17.56
CA GLN B 27 33.72 3.60 18.32
C GLN B 27 33.52 4.80 17.39
N ARG B 28 34.30 4.89 16.31
CA ARG B 28 34.17 5.99 15.36
C ARG B 28 32.79 6.01 14.71
N SER B 29 32.32 4.83 14.32
CA SER B 29 31.02 4.70 13.68
C SER B 29 29.92 5.13 14.65
N LEU B 30 30.08 4.74 15.91
CA LEU B 30 29.14 5.08 16.95
C LEU B 30 28.96 6.59 17.05
N GLU B 31 30.06 7.32 16.94
CA GLU B 31 30.05 8.76 17.03
C GLU B 31 29.68 9.48 15.72
N HIS B 32 29.72 8.77 14.60
CA HIS B 32 29.39 9.39 13.31
C HIS B 32 27.99 9.10 12.82
N PHE B 33 27.42 7.98 13.26
CA PHE B 33 26.10 7.58 12.83
C PHE B 33 25.06 7.50 13.95
N ARG B 34 24.86 8.63 14.62
CA ARG B 34 23.87 8.72 15.70
C ARG B 34 22.52 9.03 15.05
N ILE B 35 21.95 8.04 14.38
CA ILE B 35 20.70 8.20 13.68
C ILE B 35 19.64 7.25 14.20
N SER B 36 18.59 7.82 14.78
CA SER B 36 17.47 7.06 15.31
C SER B 36 17.83 6.02 16.40
N THR B 37 17.02 4.97 16.52
CA THR B 37 17.21 3.97 17.55
C THR B 37 17.34 2.52 17.07
N GLU B 38 17.19 2.28 15.77
CA GLU B 38 17.26 0.91 15.26
C GLU B 38 18.70 0.41 15.13
N LYS B 39 18.95 -0.76 15.71
CA LYS B 39 20.28 -1.40 15.67
C LYS B 39 20.12 -2.74 14.94
N MET B 40 21.22 -3.42 14.65
CA MET B 40 21.17 -4.72 13.99
C MET B 40 20.36 -5.71 14.82
N PRO B 41 19.55 -6.58 14.17
CA PRO B 41 18.74 -7.58 14.87
C PRO B 41 19.64 -8.67 15.48
N THR B 42 19.19 -9.24 16.59
CA THR B 42 19.94 -10.31 17.25
C THR B 42 20.19 -11.48 16.28
N SER B 43 19.18 -11.82 15.49
CA SER B 43 19.32 -12.90 14.53
C SER B 43 20.44 -12.61 13.52
N LEU B 44 20.57 -11.36 13.11
CA LEU B 44 21.61 -10.99 12.14
C LEU B 44 22.99 -11.12 12.79
N ILE B 45 23.09 -10.66 14.04
CA ILE B 45 24.34 -10.72 14.81
C ILE B 45 24.82 -12.16 14.92
N HIS B 46 23.91 -13.07 15.25
CA HIS B 46 24.24 -14.48 15.37
C HIS B 46 24.65 -15.09 14.04
N ALA B 47 23.95 -14.72 12.97
CA ALA B 47 24.29 -15.23 11.64
C ALA B 47 25.71 -14.78 11.28
N LEU B 48 26.07 -13.55 11.68
CA LEU B 48 27.40 -13.01 11.43
C LEU B 48 28.45 -13.82 12.18
N ALA B 49 28.16 -14.16 13.44
CA ALA B 49 29.06 -14.94 14.26
C ALA B 49 29.24 -16.33 13.65
N LEU B 50 28.15 -16.88 13.11
CA LEU B 50 28.20 -18.19 12.46
C LEU B 50 29.08 -18.14 11.21
N THR B 51 29.02 -17.02 10.50
CA THR B 51 29.81 -16.82 9.29
C THR B 51 31.29 -16.79 9.62
N LYS B 52 31.66 -16.08 10.68
CA LYS B 52 33.05 -15.97 11.10
C LYS B 52 33.57 -17.30 11.65
N ARG B 53 32.69 -18.04 12.32
CA ARG B 53 33.01 -19.34 12.88
C ARG B 53 33.36 -20.33 11.76
N ALA B 54 32.58 -20.31 10.70
CA ALA B 54 32.79 -21.19 9.54
C ALA B 54 34.05 -20.81 8.79
N ALA B 55 34.27 -19.53 8.57
CA ALA B 55 35.45 -19.06 7.86
C ALA B 55 36.73 -19.43 8.61
N ALA B 56 36.69 -19.35 9.94
CA ALA B 56 37.84 -19.69 10.77
C ALA B 56 38.15 -21.18 10.67
N LYS B 57 37.11 -22.01 10.68
CA LYS B 57 37.28 -23.46 10.57
C LYS B 57 37.90 -23.84 9.23
N VAL B 58 37.41 -23.23 8.16
CA VAL B 58 37.91 -23.51 6.83
C VAL B 58 39.33 -22.93 6.64
N ASN B 59 39.57 -21.74 7.17
CA ASN B 59 40.89 -21.12 7.07
C ASN B 59 41.91 -22.05 7.75
N GLU B 60 41.46 -22.71 8.81
CA GLU B 60 42.30 -23.64 9.55
C GLU B 60 42.60 -24.84 8.66
N ASP B 61 41.55 -25.45 8.11
CA ASP B 61 41.69 -26.60 7.22
C ASP B 61 42.63 -26.32 6.05
N LEU B 62 42.64 -25.07 5.59
CA LEU B 62 43.50 -24.69 4.48
C LEU B 62 44.90 -24.29 4.94
N GLY B 63 45.12 -24.31 6.25
CA GLY B 63 46.41 -23.95 6.82
C GLY B 63 46.72 -22.48 6.71
N LEU B 64 45.67 -21.66 6.71
CA LEU B 64 45.82 -20.21 6.60
C LEU B 64 45.83 -19.59 7.99
N LEU B 65 45.21 -20.27 8.95
CA LEU B 65 45.13 -19.79 10.32
C LEU B 65 45.66 -20.88 11.24
N SER B 66 46.40 -20.49 12.28
CA SER B 66 46.92 -21.45 13.24
C SER B 66 45.77 -22.05 14.01
N GLU B 67 45.90 -23.34 14.35
CA GLU B 67 44.88 -24.06 15.08
C GLU B 67 44.48 -23.34 16.37
N GLU B 68 45.46 -22.79 17.07
CA GLU B 68 45.20 -22.07 18.32
C GLU B 68 44.30 -20.86 18.12
N LYS B 69 44.69 -20.01 17.17
CA LYS B 69 43.95 -18.81 16.85
C LYS B 69 42.53 -19.17 16.39
N ALA B 70 42.45 -20.09 15.44
CA ALA B 70 41.16 -20.53 14.90
C ALA B 70 40.25 -21.11 15.97
N SER B 71 40.84 -21.85 16.91
CA SER B 71 40.08 -22.46 17.98
C SER B 71 39.49 -21.39 18.91
N ALA B 72 40.30 -20.38 19.25
CA ALA B 72 39.85 -19.31 20.12
C ALA B 72 38.73 -18.52 19.45
N ILE B 73 38.93 -18.13 18.19
CA ILE B 73 37.94 -17.37 17.43
C ILE B 73 36.60 -18.11 17.40
N ARG B 74 36.66 -19.42 17.18
CA ARG B 74 35.47 -20.27 17.12
C ARG B 74 34.76 -20.28 18.49
N GLN B 75 35.55 -20.29 19.56
CA GLN B 75 35.04 -20.31 20.92
C GLN B 75 34.34 -18.99 21.26
N ALA B 76 34.92 -17.87 20.79
CA ALA B 76 34.35 -16.55 21.03
C ALA B 76 33.03 -16.41 20.27
N ALA B 77 32.97 -16.99 19.08
CA ALA B 77 31.76 -16.94 18.26
C ALA B 77 30.60 -17.67 18.95
N ASP B 78 30.89 -18.82 19.56
CA ASP B 78 29.86 -19.58 20.26
C ASP B 78 29.28 -18.81 21.44
N GLU B 79 30.10 -17.98 22.08
CA GLU B 79 29.62 -17.18 23.21
C GLU B 79 28.61 -16.15 22.70
N VAL B 80 28.86 -15.63 21.50
CA VAL B 80 27.97 -14.66 20.89
C VAL B 80 26.67 -15.40 20.57
N LEU B 81 26.80 -16.62 20.05
CA LEU B 81 25.65 -17.46 19.73
C LEU B 81 24.88 -17.82 21.00
N ALA B 82 25.60 -18.00 22.10
CA ALA B 82 24.99 -18.32 23.39
C ALA B 82 24.30 -17.09 23.96
N GLY B 83 24.48 -15.94 23.30
CA GLY B 83 23.87 -14.71 23.73
C GLY B 83 24.58 -14.04 24.89
N GLN B 84 25.89 -14.21 24.96
CA GLN B 84 26.68 -13.63 26.05
C GLN B 84 27.22 -12.23 25.78
N HIS B 85 27.17 -11.78 24.52
CA HIS B 85 27.69 -10.46 24.17
C HIS B 85 26.73 -9.58 23.39
N ASP B 86 25.44 -9.74 23.62
CA ASP B 86 24.44 -8.94 22.92
C ASP B 86 24.68 -7.43 23.06
N ASP B 87 25.28 -7.05 24.18
CA ASP B 87 25.57 -5.65 24.46
C ASP B 87 26.84 -5.09 23.78
N GLU B 88 27.52 -5.92 23.00
CA GLU B 88 28.74 -5.49 22.31
C GLU B 88 28.54 -4.98 20.89
N PHE B 89 27.29 -4.85 20.44
CA PHE B 89 27.00 -4.39 19.08
C PHE B 89 26.04 -3.18 19.13
N PRO B 90 26.57 -1.98 19.38
CA PRO B 90 25.78 -0.75 19.48
C PRO B 90 25.49 0.00 18.18
N LEU B 91 26.01 -0.48 17.05
CA LEU B 91 25.80 0.23 15.78
C LEU B 91 24.36 0.27 15.23
N ALA B 92 24.02 1.41 14.66
CA ALA B 92 22.70 1.62 14.07
C ALA B 92 22.62 0.95 12.71
N ILE B 93 21.40 0.76 12.24
CA ILE B 93 21.13 0.18 10.92
C ILE B 93 21.60 1.20 9.88
N TRP B 94 21.45 2.48 10.23
CA TRP B 94 21.79 3.59 9.37
C TRP B 94 23.28 3.91 9.35
N GLN B 95 24.05 3.03 8.72
CA GLN B 95 25.50 3.15 8.60
C GLN B 95 25.88 3.02 7.11
N THR B 96 27.11 2.60 6.83
CA THR B 96 27.56 2.41 5.45
C THR B 96 26.65 1.32 4.84
N GLY B 97 26.19 1.54 3.62
CA GLY B 97 25.32 0.59 2.96
C GLY B 97 25.82 -0.83 2.72
N SER B 98 27.10 -1.08 2.97
CA SER B 98 27.66 -2.42 2.77
C SER B 98 27.67 -3.26 4.04
N GLY B 99 27.47 -2.61 5.19
CA GLY B 99 27.50 -3.31 6.46
C GLY B 99 28.92 -3.51 6.96
N THR B 100 29.86 -2.74 6.39
CA THR B 100 31.27 -2.78 6.74
C THR B 100 31.51 -2.56 8.22
N GLN B 101 30.87 -1.53 8.78
CA GLN B 101 31.02 -1.19 10.18
C GLN B 101 30.57 -2.32 11.11
N SER B 102 29.49 -3.00 10.76
CA SER B 102 29.03 -4.13 11.57
C SER B 102 29.96 -5.32 11.36
N ASN B 103 30.57 -5.41 10.17
CA ASN B 103 31.52 -6.50 9.94
C ASN B 103 32.70 -6.24 10.87
N MET B 104 33.19 -5.00 10.89
CA MET B 104 34.30 -4.61 11.76
C MET B 104 33.94 -4.75 13.23
N ASN B 105 32.66 -4.51 13.54
CA ASN B 105 32.16 -4.63 14.91
C ASN B 105 32.39 -6.06 15.37
N MET B 106 31.97 -7.02 14.54
CA MET B 106 32.14 -8.42 14.87
C MET B 106 33.64 -8.81 14.90
N ASN B 107 34.43 -8.26 13.99
CA ASN B 107 35.86 -8.58 13.95
C ASN B 107 36.58 -8.14 15.23
N GLU B 108 36.28 -6.93 15.69
CA GLU B 108 36.90 -6.38 16.89
C GLU B 108 36.49 -7.13 18.15
N VAL B 109 35.20 -7.40 18.30
CA VAL B 109 34.70 -8.14 19.46
C VAL B 109 35.31 -9.54 19.49
N LEU B 110 35.27 -10.23 18.36
CA LEU B 110 35.83 -11.58 18.29
C LEU B 110 37.34 -11.56 18.54
N ALA B 111 38.04 -10.57 17.99
CA ALA B 111 39.49 -10.45 18.18
C ALA B 111 39.84 -10.24 19.67
N ASN B 112 39.28 -9.19 20.27
CA ASN B 112 39.52 -8.87 21.67
C ASN B 112 39.15 -10.00 22.63
N ARG B 113 38.07 -10.70 22.32
CA ARG B 113 37.63 -11.82 23.14
C ARG B 113 38.49 -13.07 22.97
N ALA B 114 38.84 -13.39 21.72
CA ALA B 114 39.67 -14.57 21.44
C ALA B 114 41.04 -14.36 22.07
N SER B 115 41.49 -13.11 22.12
CA SER B 115 42.78 -12.78 22.72
C SER B 115 42.78 -13.19 24.19
N GLU B 116 41.75 -12.79 24.91
CA GLU B 116 41.63 -13.11 26.34
C GLU B 116 41.58 -14.64 26.51
N LEU B 117 40.85 -15.30 25.61
CA LEU B 117 40.70 -16.74 25.62
C LEU B 117 42.05 -17.46 25.46
N LEU B 118 43.00 -16.79 24.80
CA LEU B 118 44.34 -17.34 24.60
C LEU B 118 45.28 -16.91 25.73
N GLY B 119 44.71 -16.33 26.78
CA GLY B 119 45.49 -15.87 27.91
C GLY B 119 46.06 -14.49 27.68
N GLY B 120 45.53 -13.77 26.68
CA GLY B 120 46.01 -12.44 26.40
C GLY B 120 45.11 -11.37 26.96
N VAL B 121 45.26 -10.15 26.47
CA VAL B 121 44.47 -9.02 26.93
C VAL B 121 43.72 -8.37 25.76
N ARG B 122 42.73 -7.54 26.08
CA ARG B 122 41.99 -6.84 25.05
C ARG B 122 42.73 -5.52 24.77
N GLY B 123 42.49 -4.93 23.61
CA GLY B 123 43.15 -3.68 23.26
C GLY B 123 44.27 -3.88 22.27
N MET B 124 45.07 -2.84 22.05
CA MET B 124 46.16 -2.86 21.08
C MET B 124 47.23 -3.94 21.20
N GLU B 125 47.38 -4.55 22.37
CA GLU B 125 48.37 -5.62 22.51
C GLU B 125 47.70 -6.98 22.52
N ARG B 126 46.59 -7.08 21.80
CA ARG B 126 45.84 -8.31 21.68
C ARG B 126 46.60 -9.31 20.81
N LYS B 127 46.42 -10.58 21.12
CA LYS B 127 47.07 -11.69 20.41
C LYS B 127 46.36 -12.01 19.10
N VAL B 128 45.06 -11.79 19.06
CA VAL B 128 44.28 -12.05 17.85
C VAL B 128 43.94 -10.69 17.23
N HIS B 129 44.05 -10.61 15.91
CA HIS B 129 43.82 -9.38 15.18
C HIS B 129 42.51 -9.35 14.39
N PRO B 130 41.76 -8.23 14.48
CA PRO B 130 40.47 -8.02 13.81
C PRO B 130 40.50 -8.30 12.31
N ASN B 131 41.41 -7.64 11.60
CA ASN B 131 41.46 -7.84 10.16
C ASN B 131 42.31 -9.02 9.73
N ASP B 132 43.55 -9.05 10.19
CA ASP B 132 44.47 -10.11 9.82
C ASP B 132 44.02 -11.54 10.14
N ASP B 133 43.49 -11.77 11.34
CA ASP B 133 43.06 -13.11 11.72
C ASP B 133 41.57 -13.40 11.56
N VAL B 134 40.74 -12.56 12.16
CA VAL B 134 39.29 -12.76 12.12
C VAL B 134 38.63 -12.50 10.75
N ASN B 135 39.16 -11.53 9.99
CA ASN B 135 38.60 -11.21 8.67
C ASN B 135 39.38 -11.86 7.52
N LYS B 136 40.25 -12.82 7.87
CA LYS B 136 41.08 -13.53 6.92
C LYS B 136 40.31 -14.19 5.78
N SER B 137 40.74 -13.91 4.55
CA SER B 137 40.12 -14.45 3.34
C SER B 137 38.73 -13.90 3.08
N GLN B 138 38.37 -12.81 3.75
CA GLN B 138 37.04 -12.22 3.60
C GLN B 138 37.06 -10.74 3.25
N SER B 139 35.87 -10.19 3.05
CA SER B 139 35.68 -8.78 2.72
C SER B 139 34.28 -8.43 3.25
N SER B 140 34.04 -7.18 3.64
CA SER B 140 32.71 -6.81 4.11
C SER B 140 31.68 -7.07 3.02
N ASN B 141 32.13 -6.88 1.78
CA ASN B 141 31.31 -7.05 0.60
C ASN B 141 30.71 -8.43 0.40
N ASP B 142 31.41 -9.48 0.81
CA ASP B 142 30.86 -10.82 0.65
C ASP B 142 30.38 -11.44 1.96
N VAL B 143 30.87 -10.89 3.08
CA VAL B 143 30.50 -11.35 4.41
C VAL B 143 29.10 -10.91 4.83
N PHE B 144 28.79 -9.62 4.67
CA PHE B 144 27.46 -9.12 5.06
C PHE B 144 26.34 -9.79 4.27
N PRO B 145 26.50 -9.93 2.95
CA PRO B 145 25.44 -10.58 2.16
C PRO B 145 25.24 -12.04 2.62
N THR B 146 26.34 -12.69 3.01
CA THR B 146 26.26 -14.08 3.47
C THR B 146 25.48 -14.16 4.79
N ALA B 147 25.78 -13.27 5.72
CA ALA B 147 25.09 -13.23 7.01
C ALA B 147 23.60 -12.93 6.82
N MET B 148 23.29 -12.14 5.80
CA MET B 148 21.90 -11.80 5.48
C MET B 148 21.12 -13.07 5.11
N HIS B 149 21.69 -13.89 4.23
CA HIS B 149 21.03 -15.13 3.79
C HIS B 149 20.93 -16.21 4.85
N VAL B 150 21.95 -16.30 5.68
CA VAL B 150 21.96 -17.27 6.78
C VAL B 150 20.82 -16.90 7.74
N ALA B 151 20.75 -15.62 8.08
CA ALA B 151 19.71 -15.12 8.98
C ALA B 151 18.34 -15.36 8.38
N ALA B 152 18.15 -14.91 7.15
CA ALA B 152 16.89 -15.06 6.44
C ALA B 152 16.40 -16.51 6.26
N LEU B 153 17.28 -17.41 5.83
CA LEU B 153 16.88 -18.81 5.64
C LEU B 153 16.52 -19.51 6.94
N LEU B 154 17.34 -19.36 7.97
CA LEU B 154 17.07 -20.00 9.25
C LEU B 154 15.75 -19.50 9.86
N ALA B 155 15.52 -18.19 9.81
CA ALA B 155 14.29 -17.58 10.33
C ALA B 155 13.05 -18.13 9.61
N LEU B 156 13.13 -18.23 8.29
CA LEU B 156 12.03 -18.77 7.49
C LEU B 156 11.76 -20.24 7.84
N ARG B 157 12.83 -21.02 7.94
CA ARG B 157 12.74 -22.44 8.25
C ARG B 157 12.37 -22.78 9.69
N LYS B 158 12.96 -22.06 10.63
CA LYS B 158 12.72 -22.35 12.04
C LYS B 158 11.63 -21.57 12.74
N GLN B 159 11.30 -20.38 12.24
CA GLN B 159 10.27 -19.58 12.88
C GLN B 159 8.97 -19.54 12.10
N LEU B 160 9.03 -18.94 10.92
CA LEU B 160 7.87 -18.77 10.05
C LEU B 160 7.11 -20.04 9.66
N ILE B 161 7.74 -20.93 8.92
CA ILE B 161 7.10 -22.18 8.46
C ILE B 161 6.39 -23.05 9.52
N PRO B 162 7.05 -23.32 10.67
CA PRO B 162 6.41 -24.14 11.70
C PRO B 162 5.11 -23.50 12.22
N GLN B 163 5.14 -22.19 12.44
CA GLN B 163 3.96 -21.49 12.92
C GLN B 163 2.84 -21.54 11.87
N LEU B 164 3.21 -21.42 10.60
CA LEU B 164 2.26 -21.46 9.51
C LEU B 164 1.56 -22.81 9.48
N LYS B 165 2.32 -23.87 9.65
CA LYS B 165 1.77 -25.22 9.65
C LYS B 165 0.80 -25.46 10.81
N THR B 166 1.16 -24.98 11.99
CA THR B 166 0.32 -25.13 13.17
C THR B 166 -1.04 -24.44 13.00
N LEU B 167 -1.03 -23.23 12.44
CA LEU B 167 -2.27 -22.48 12.24
C LEU B 167 -3.17 -23.20 11.23
N THR B 168 -2.55 -23.81 10.22
CA THR B 168 -3.28 -24.54 9.20
C THR B 168 -3.99 -25.74 9.80
N GLN B 169 -3.28 -26.46 10.68
CA GLN B 169 -3.83 -27.63 11.36
C GLN B 169 -5.04 -27.24 12.20
N THR B 170 -4.92 -26.18 12.98
CA THR B 170 -6.02 -25.70 13.82
C THR B 170 -7.26 -25.40 12.97
N LEU B 171 -7.10 -24.59 11.94
CA LEU B 171 -8.21 -24.23 11.05
C LEU B 171 -8.78 -25.46 10.34
N ASN B 172 -7.92 -26.44 10.07
CA ASN B 172 -8.35 -27.66 9.41
C ASN B 172 -9.24 -28.50 10.35
N GLU B 173 -8.88 -28.53 11.63
CA GLU B 173 -9.68 -29.26 12.60
C GLU B 173 -11.06 -28.58 12.74
N LYS B 174 -11.06 -27.25 12.76
CA LYS B 174 -12.29 -26.47 12.87
C LYS B 174 -13.20 -26.71 11.67
N SER B 175 -12.57 -26.78 10.49
CA SER B 175 -13.28 -27.02 9.25
C SER B 175 -14.05 -28.33 9.31
N ARG B 176 -13.39 -29.38 9.78
CA ARG B 176 -14.04 -30.69 9.88
C ARG B 176 -15.15 -30.71 10.93
N ALA B 177 -14.92 -30.04 12.05
CA ALA B 177 -15.90 -30.00 13.12
C ALA B 177 -17.20 -29.28 12.76
N PHE B 178 -17.09 -28.24 11.93
CA PHE B 178 -18.26 -27.46 11.55
C PHE B 178 -18.75 -27.75 10.13
N ALA B 179 -18.36 -28.91 9.59
CA ALA B 179 -18.74 -29.29 8.23
C ALA B 179 -20.24 -29.34 7.98
N ASP B 180 -21.01 -29.64 9.02
CA ASP B 180 -22.45 -29.76 8.90
C ASP B 180 -23.26 -28.52 9.25
N ILE B 181 -22.61 -27.43 9.61
CA ILE B 181 -23.34 -26.22 9.98
C ILE B 181 -23.59 -25.31 8.79
N VAL B 182 -24.84 -25.24 8.35
CA VAL B 182 -25.23 -24.39 7.22
C VAL B 182 -25.44 -22.94 7.66
N LYS B 183 -24.81 -22.03 6.95
CA LYS B 183 -24.91 -20.60 7.23
C LYS B 183 -25.18 -19.86 5.92
N ILE B 184 -25.56 -18.59 6.03
CA ILE B 184 -25.83 -17.77 4.84
C ILE B 184 -24.53 -17.28 4.21
N GLY B 185 -24.45 -17.31 2.89
CA GLY B 185 -23.26 -16.81 2.20
C GLY B 185 -23.38 -15.30 2.03
N ARG B 186 -22.26 -14.63 1.74
CA ARG B 186 -22.26 -13.17 1.55
C ARG B 186 -21.27 -12.77 0.46
N THR B 187 -21.79 -12.12 -0.58
CA THR B 187 -21.00 -11.64 -1.70
C THR B 187 -21.33 -10.16 -1.81
N HIS B 188 -20.30 -9.32 -1.97
CA HIS B 188 -20.47 -7.87 -2.05
C HIS B 188 -21.05 -7.36 -0.72
N LEU B 189 -20.88 -8.14 0.36
CA LEU B 189 -21.41 -7.82 1.70
C LEU B 189 -22.92 -8.12 1.85
N GLN B 190 -23.55 -8.49 0.73
CA GLN B 190 -24.98 -8.78 0.67
C GLN B 190 -25.25 -10.26 0.93
N ASP B 191 -26.47 -10.58 1.36
CA ASP B 191 -26.88 -11.96 1.63
C ASP B 191 -26.81 -12.73 0.32
N ALA B 192 -26.37 -13.98 0.38
CA ALA B 192 -26.26 -14.81 -0.81
C ALA B 192 -26.56 -16.25 -0.48
N THR B 193 -26.41 -17.13 -1.46
CA THR B 193 -26.67 -18.55 -1.29
C THR B 193 -25.83 -19.17 -0.15
N PRO B 194 -26.40 -20.15 0.58
CA PRO B 194 -25.77 -20.86 1.70
C PRO B 194 -24.55 -21.73 1.38
N LEU B 195 -23.78 -22.00 2.43
CA LEU B 195 -22.59 -22.84 2.39
C LEU B 195 -22.38 -23.18 3.86
N THR B 196 -21.66 -24.26 4.15
CA THR B 196 -21.42 -24.62 5.54
C THR B 196 -20.25 -23.81 6.10
N LEU B 197 -20.22 -23.66 7.42
CA LEU B 197 -19.15 -22.93 8.09
C LEU B 197 -17.84 -23.68 7.82
N GLY B 198 -17.93 -25.01 7.76
CA GLY B 198 -16.77 -25.83 7.47
C GLY B 198 -16.17 -25.52 6.10
N GLN B 199 -17.02 -25.26 5.12
CA GLN B 199 -16.56 -24.93 3.78
C GLN B 199 -15.90 -23.56 3.78
N GLU B 200 -16.49 -22.60 4.48
CA GLU B 200 -15.94 -21.26 4.56
C GLU B 200 -14.53 -21.32 5.14
N ILE B 201 -14.37 -22.09 6.20
CA ILE B 201 -13.06 -22.24 6.85
C ILE B 201 -12.06 -23.01 5.97
N SER B 202 -12.54 -23.95 5.17
CA SER B 202 -11.65 -24.71 4.27
C SER B 202 -10.98 -23.76 3.27
N GLY B 203 -11.65 -22.64 2.98
CA GLY B 203 -11.09 -21.64 2.08
C GLY B 203 -9.88 -21.02 2.74
N TRP B 204 -9.95 -20.80 4.06
CA TRP B 204 -8.84 -20.24 4.83
C TRP B 204 -7.71 -21.25 4.84
N VAL B 205 -8.06 -22.53 5.00
CA VAL B 205 -7.05 -23.60 5.02
C VAL B 205 -6.27 -23.69 3.70
N ALA B 206 -7.00 -23.66 2.59
CA ALA B 206 -6.37 -23.74 1.27
C ALA B 206 -5.46 -22.54 1.03
N MET B 207 -5.85 -21.37 1.53
CA MET B 207 -5.04 -20.17 1.37
C MET B 207 -3.68 -20.39 2.04
N LEU B 208 -3.70 -20.87 3.27
CA LEU B 208 -2.47 -21.11 4.00
C LEU B 208 -1.61 -22.19 3.37
N GLU B 209 -2.24 -23.24 2.85
CA GLU B 209 -1.52 -24.33 2.21
C GLU B 209 -0.82 -23.83 0.94
N HIS B 210 -1.49 -22.95 0.20
CA HIS B 210 -0.93 -22.38 -1.01
C HIS B 210 0.23 -21.45 -0.68
N ASN B 211 0.10 -20.71 0.41
CA ASN B 211 1.16 -19.79 0.82
C ASN B 211 2.43 -20.52 1.19
N LEU B 212 2.27 -21.68 1.82
CA LEU B 212 3.41 -22.49 2.24
C LEU B 212 4.23 -22.91 1.02
N LYS B 213 3.56 -23.35 -0.05
CA LYS B 213 4.27 -23.75 -1.27
C LYS B 213 5.07 -22.56 -1.85
N HIS B 214 4.43 -21.41 -1.92
CA HIS B 214 5.08 -20.21 -2.45
C HIS B 214 6.34 -19.86 -1.68
N ILE B 215 6.25 -19.94 -0.35
CA ILE B 215 7.38 -19.64 0.53
C ILE B 215 8.49 -20.68 0.31
N GLU B 216 8.10 -21.93 0.08
CA GLU B 216 9.07 -23.00 -0.16
C GLU B 216 9.82 -22.76 -1.47
N TYR B 217 9.11 -22.27 -2.47
CA TYR B 217 9.73 -21.99 -3.77
C TYR B 217 10.78 -20.89 -3.70
N SER B 218 10.68 -20.02 -2.70
CA SER B 218 11.64 -18.92 -2.57
C SER B 218 12.90 -19.33 -1.82
N LEU B 219 12.87 -20.45 -1.10
CA LEU B 219 14.03 -20.87 -0.32
C LEU B 219 15.33 -21.19 -1.04
N PRO B 220 15.28 -21.90 -2.19
CA PRO B 220 16.55 -22.19 -2.85
C PRO B 220 17.43 -21.01 -3.28
N HIS B 221 16.83 -19.87 -3.63
CA HIS B 221 17.64 -18.72 -4.04
C HIS B 221 18.31 -18.06 -2.80
N VAL B 222 17.62 -18.06 -1.66
CA VAL B 222 18.18 -17.48 -0.44
C VAL B 222 19.28 -18.41 0.15
N ALA B 223 19.26 -19.69 -0.25
CA ALA B 223 20.25 -20.65 0.22
C ALA B 223 21.63 -20.45 -0.42
N GLU B 224 21.70 -19.60 -1.45
CA GLU B 224 22.95 -19.29 -2.14
C GLU B 224 23.75 -18.25 -1.37
N LEU B 225 25.01 -18.57 -1.06
CA LEU B 225 25.88 -17.69 -0.30
C LEU B 225 26.96 -17.00 -1.13
N ALA B 226 27.16 -15.71 -0.86
CA ALA B 226 28.15 -14.91 -1.58
C ALA B 226 29.58 -15.12 -1.12
N LEU B 227 29.77 -15.72 0.06
CA LEU B 227 31.10 -15.92 0.63
C LEU B 227 32.08 -16.63 -0.32
N GLY B 228 33.14 -15.89 -0.67
CA GLY B 228 34.15 -16.40 -1.57
C GLY B 228 34.38 -15.40 -2.68
N GLY B 229 33.43 -14.48 -2.90
CA GLY B 229 33.55 -13.50 -3.96
C GLY B 229 34.41 -12.28 -3.64
N THR B 230 34.71 -12.10 -2.36
CA THR B 230 35.49 -10.97 -1.85
C THR B 230 35.00 -9.57 -2.26
N ALA B 231 35.94 -8.66 -2.50
CA ALA B 231 35.62 -7.28 -2.85
C ALA B 231 34.69 -7.03 -4.04
N VAL B 232 35.02 -7.56 -5.21
CA VAL B 232 34.17 -7.33 -6.38
C VAL B 232 33.54 -8.59 -6.98
N GLY B 233 33.73 -9.74 -6.33
CA GLY B 233 33.12 -10.95 -6.84
C GLY B 233 34.06 -11.89 -7.58
N THR B 234 35.27 -11.41 -7.87
CA THR B 234 36.27 -12.21 -8.58
C THR B 234 36.88 -13.31 -7.71
N GLY B 235 36.86 -13.12 -6.40
CA GLY B 235 37.44 -14.10 -5.52
C GLY B 235 38.94 -13.85 -5.41
N LEU B 236 39.36 -12.62 -5.71
CA LEU B 236 40.77 -12.26 -5.62
C LEU B 236 41.18 -12.37 -4.15
N ASN B 237 42.39 -12.88 -3.92
CA ASN B 237 42.94 -13.03 -2.57
C ASN B 237 42.22 -14.13 -1.77
N THR B 238 41.97 -15.25 -2.43
CA THR B 238 41.31 -16.37 -1.78
C THR B 238 41.80 -17.71 -2.32
N HIS B 239 41.61 -18.75 -1.54
CA HIS B 239 41.98 -20.09 -1.95
C HIS B 239 40.83 -20.62 -2.81
N PRO B 240 41.13 -21.20 -3.99
CA PRO B 240 40.12 -21.75 -4.92
C PRO B 240 39.04 -22.69 -4.36
N GLU B 241 39.32 -23.36 -3.24
CA GLU B 241 38.33 -24.28 -2.64
C GLU B 241 37.53 -23.63 -1.52
N TYR B 242 37.92 -22.43 -1.13
CA TYR B 242 37.30 -21.68 -0.05
C TYR B 242 35.78 -21.52 -0.13
N ALA B 243 35.28 -20.99 -1.24
CA ALA B 243 33.85 -20.76 -1.42
C ALA B 243 32.98 -22.00 -1.20
N ARG B 244 33.40 -23.11 -1.78
CA ARG B 244 32.68 -24.37 -1.65
C ARG B 244 32.72 -24.91 -0.22
N ARG B 245 33.92 -24.90 0.36
CA ARG B 245 34.14 -25.42 1.71
C ARG B 245 33.44 -24.65 2.82
N VAL B 246 33.42 -23.32 2.72
CA VAL B 246 32.76 -22.52 3.75
C VAL B 246 31.24 -22.70 3.68
N ALA B 247 30.70 -22.92 2.48
CA ALA B 247 29.28 -23.15 2.31
C ALA B 247 28.92 -24.53 2.88
N ASP B 248 29.82 -25.49 2.72
CA ASP B 248 29.60 -26.84 3.26
C ASP B 248 29.60 -26.81 4.78
N GLU B 249 30.57 -26.11 5.34
CA GLU B 249 30.69 -25.97 6.79
C GLU B 249 29.43 -25.39 7.40
N LEU B 250 28.95 -24.27 6.83
CA LEU B 250 27.73 -23.62 7.31
C LEU B 250 26.54 -24.56 7.21
N ALA B 251 26.42 -25.23 6.06
CA ALA B 251 25.33 -26.17 5.84
C ALA B 251 25.37 -27.25 6.94
N VAL B 252 26.58 -27.68 7.28
CA VAL B 252 26.76 -28.70 8.31
C VAL B 252 26.37 -28.21 9.71
N ILE B 253 26.90 -27.07 10.12
CA ILE B 253 26.60 -26.56 11.46
C ILE B 253 25.18 -26.03 11.66
N THR B 254 24.47 -25.75 10.57
CA THR B 254 23.10 -25.24 10.66
C THR B 254 22.07 -26.29 10.26
N CYS B 255 22.52 -27.30 9.51
CA CYS B 255 21.64 -28.36 9.02
C CYS B 255 20.70 -27.83 7.91
N ALA B 256 21.07 -26.70 7.32
CA ALA B 256 20.28 -26.11 6.23
C ALA B 256 21.05 -26.33 4.92
N PRO B 257 20.33 -26.51 3.80
CA PRO B 257 20.94 -26.74 2.49
C PRO B 257 21.65 -25.55 1.81
N PHE B 258 22.58 -24.92 2.51
CA PHE B 258 23.32 -23.79 1.95
C PHE B 258 24.27 -24.24 0.83
N VAL B 259 24.37 -23.45 -0.22
CA VAL B 259 25.26 -23.73 -1.35
C VAL B 259 25.95 -22.41 -1.71
N THR B 260 27.16 -22.46 -2.25
CA THR B 260 27.83 -21.22 -2.63
C THR B 260 27.13 -20.72 -3.89
N ALA B 261 26.98 -19.41 -4.02
CA ALA B 261 26.31 -18.83 -5.19
C ALA B 261 27.06 -19.11 -6.47
N PRO B 262 26.36 -19.64 -7.48
CA PRO B 262 26.98 -19.95 -8.77
C PRO B 262 27.56 -18.71 -9.45
N ASN B 263 26.95 -17.55 -9.21
CA ASN B 263 27.47 -16.30 -9.78
C ASN B 263 27.64 -15.27 -8.67
N LYS B 264 28.89 -15.02 -8.29
CA LYS B 264 29.23 -14.07 -7.24
C LYS B 264 28.94 -12.61 -7.60
N PHE B 265 28.88 -12.29 -8.88
CA PHE B 265 28.60 -10.92 -9.30
C PHE B 265 27.12 -10.56 -9.06
N GLU B 266 26.25 -11.55 -9.22
CA GLU B 266 24.82 -11.37 -9.00
C GLU B 266 24.60 -11.31 -7.49
N ALA B 267 25.39 -12.09 -6.75
CA ALA B 267 25.29 -12.14 -5.29
C ALA B 267 25.75 -10.85 -4.57
N LEU B 268 26.79 -10.20 -5.08
CA LEU B 268 27.30 -8.96 -4.47
C LEU B 268 26.59 -7.72 -4.97
N ALA B 269 26.19 -7.74 -6.24
CA ALA B 269 25.55 -6.59 -6.87
C ALA B 269 24.07 -6.37 -6.59
N THR B 270 23.40 -7.39 -6.06
CA THR B 270 21.97 -7.28 -5.78
C THR B 270 21.53 -7.92 -4.46
N CYS B 271 20.24 -7.74 -4.17
CA CYS B 271 19.59 -8.33 -3.00
C CYS B 271 18.36 -9.04 -3.60
N ASP B 272 18.51 -9.53 -4.84
CA ASP B 272 17.41 -10.18 -5.57
C ASP B 272 16.71 -11.34 -4.85
N ALA B 273 17.50 -12.20 -4.19
CA ALA B 273 16.92 -13.33 -3.48
C ALA B 273 15.92 -12.87 -2.41
N LEU B 274 16.25 -11.78 -1.71
CA LEU B 274 15.39 -11.26 -0.65
C LEU B 274 14.20 -10.46 -1.18
N VAL B 275 14.38 -9.78 -2.32
CA VAL B 275 13.30 -9.02 -2.95
C VAL B 275 12.21 -10.02 -3.34
N GLN B 276 12.64 -11.15 -3.92
CA GLN B 276 11.73 -12.21 -4.34
C GLN B 276 11.09 -12.93 -3.15
N ALA B 277 11.91 -13.28 -2.17
CA ALA B 277 11.39 -13.97 -1.01
C ALA B 277 10.37 -13.11 -0.27
N HIS B 278 10.62 -11.81 -0.15
CA HIS B 278 9.68 -10.92 0.54
C HIS B 278 8.38 -10.78 -0.26
N GLY B 279 8.45 -11.02 -1.55
CA GLY B 279 7.25 -10.96 -2.39
C GLY B 279 6.27 -12.04 -1.92
N ALA B 280 6.80 -13.18 -1.50
CA ALA B 280 5.96 -14.27 -1.01
C ALA B 280 5.38 -13.91 0.36
N LEU B 281 6.15 -13.18 1.16
CA LEU B 281 5.73 -12.76 2.49
C LEU B 281 4.60 -11.74 2.42
N LYS B 282 4.68 -10.78 1.50
CA LYS B 282 3.59 -9.80 1.37
C LYS B 282 2.31 -10.47 0.87
N GLY B 283 2.47 -11.64 0.22
CA GLY B 283 1.32 -12.40 -0.22
C GLY B 283 0.67 -13.05 0.99
N LEU B 284 1.48 -13.62 1.88
CA LEU B 284 0.97 -14.25 3.11
C LEU B 284 0.25 -13.19 3.95
N ALA B 285 0.81 -11.97 3.99
CA ALA B 285 0.22 -10.86 4.74
C ALA B 285 -1.18 -10.52 4.19
N ALA B 286 -1.31 -10.52 2.86
CA ALA B 286 -2.60 -10.23 2.24
C ALA B 286 -3.64 -11.32 2.58
N SER B 287 -3.20 -12.57 2.62
CA SER B 287 -4.10 -13.68 2.96
C SER B 287 -4.52 -13.60 4.43
N LEU B 288 -3.55 -13.37 5.31
CA LEU B 288 -3.80 -13.25 6.75
C LEU B 288 -4.73 -12.10 7.09
N MET B 289 -4.57 -10.99 6.36
CA MET B 289 -5.39 -9.81 6.55
C MET B 289 -6.85 -10.14 6.31
N LYS B 290 -7.09 -10.96 5.28
CA LYS B 290 -8.42 -11.39 4.91
C LYS B 290 -9.03 -12.35 5.93
N ILE B 291 -8.24 -13.30 6.41
CA ILE B 291 -8.70 -14.27 7.39
C ILE B 291 -9.03 -13.56 8.71
N ALA B 292 -8.16 -12.63 9.12
CA ALA B 292 -8.37 -11.88 10.35
C ALA B 292 -9.63 -10.99 10.28
N ASN B 293 -9.87 -10.38 9.13
CA ASN B 293 -11.05 -9.54 8.96
C ASN B 293 -12.33 -10.37 8.99
N ASP B 294 -12.31 -11.52 8.32
CA ASP B 294 -13.46 -12.41 8.30
C ASP B 294 -13.83 -12.78 9.72
N VAL B 295 -12.82 -13.15 10.50
CA VAL B 295 -13.03 -13.54 11.88
C VAL B 295 -13.64 -12.42 12.72
N ARG B 296 -13.10 -11.20 12.65
CA ARG B 296 -13.66 -10.14 13.46
C ARG B 296 -15.06 -9.69 13.04
N TRP B 297 -15.36 -9.75 11.75
CA TRP B 297 -16.69 -9.37 11.26
C TRP B 297 -17.73 -10.43 11.62
N LEU B 298 -17.35 -11.70 11.51
CA LEU B 298 -18.24 -12.80 11.84
C LEU B 298 -18.58 -12.81 13.33
N ALA B 299 -17.67 -12.31 14.14
CA ALA B 299 -17.84 -12.25 15.59
C ALA B 299 -18.33 -10.90 16.09
N SER B 300 -18.56 -9.95 15.20
CA SER B 300 -19.04 -8.63 15.58
C SER B 300 -20.40 -8.62 16.31
N GLY B 301 -20.53 -7.77 17.32
CA GLY B 301 -21.77 -7.70 18.05
C GLY B 301 -21.63 -7.10 19.43
N PRO B 302 -22.15 -7.76 20.47
CA PRO B 302 -22.86 -9.05 20.38
C PRO B 302 -24.31 -9.00 19.91
N ARG B 303 -24.86 -7.80 19.71
CA ARG B 303 -26.25 -7.68 19.31
C ARG B 303 -26.50 -6.95 18.01
N CYS B 304 -25.66 -5.97 17.70
CA CYS B 304 -25.85 -5.16 16.50
C CYS B 304 -24.89 -5.40 15.34
N GLY B 305 -24.32 -6.60 15.28
CA GLY B 305 -23.41 -6.95 14.21
C GLY B 305 -23.89 -8.21 13.51
N ILE B 306 -22.94 -9.10 13.21
CA ILE B 306 -23.23 -10.36 12.56
C ILE B 306 -23.37 -11.46 13.63
N GLY B 307 -22.34 -11.60 14.46
CA GLY B 307 -22.35 -12.57 15.55
C GLY B 307 -22.56 -14.05 15.26
N GLU B 308 -22.07 -14.54 14.12
CA GLU B 308 -22.23 -15.96 13.80
C GLU B 308 -21.27 -16.84 14.60
N ILE B 309 -20.13 -16.28 15.02
CA ILE B 309 -19.19 -17.06 15.80
C ILE B 309 -18.79 -16.26 17.03
N SER B 310 -18.18 -16.94 17.98
CA SER B 310 -17.69 -16.29 19.18
C SER B 310 -16.22 -16.68 19.30
N ILE B 311 -15.40 -15.75 19.77
CA ILE B 311 -13.97 -15.98 19.93
C ILE B 311 -13.59 -15.82 21.40
N PRO B 312 -12.47 -16.42 21.81
CA PRO B 312 -12.03 -16.31 23.20
C PRO B 312 -11.86 -14.85 23.66
N GLU B 313 -12.37 -14.54 24.85
CA GLU B 313 -12.24 -13.20 25.43
C GLU B 313 -10.98 -13.26 26.30
N ASN B 314 -9.94 -12.55 25.91
CA ASN B 314 -8.68 -12.62 26.65
C ASN B 314 -8.36 -11.49 27.63
N GLU B 315 -9.13 -10.41 27.57
CA GLU B 315 -8.90 -9.28 28.46
C GLU B 315 -10.21 -8.77 29.06
N PRO B 316 -10.12 -8.00 30.17
CA PRO B 316 -11.27 -7.43 30.87
C PRO B 316 -11.89 -6.27 30.09
N MET B 321 -20.50 -2.72 29.46
CA MET B 321 -20.53 -3.45 28.16
C MET B 321 -20.23 -4.93 28.39
N PRO B 322 -21.26 -5.73 28.67
CA PRO B 322 -21.16 -7.17 28.92
C PRO B 322 -20.57 -8.01 27.80
N GLY B 323 -21.31 -8.17 26.71
CA GLY B 323 -20.81 -8.97 25.60
C GLY B 323 -19.75 -8.31 24.74
N LYS B 324 -19.38 -7.07 25.03
CA LYS B 324 -18.38 -6.35 24.24
C LYS B 324 -17.00 -6.99 24.32
N VAL B 325 -16.75 -7.93 23.41
CA VAL B 325 -15.49 -8.65 23.31
C VAL B 325 -14.69 -8.08 22.14
N ASN B 326 -13.76 -7.17 22.41
CA ASN B 326 -12.94 -6.61 21.34
C ASN B 326 -12.01 -7.68 20.75
N PRO B 327 -12.00 -7.83 19.41
CA PRO B 327 -11.16 -8.80 18.69
C PRO B 327 -9.72 -8.29 18.57
N THR B 328 -9.08 -8.10 19.71
CA THR B 328 -7.73 -7.57 19.81
C THR B 328 -6.64 -8.33 19.04
N GLN B 329 -6.69 -9.66 19.03
CA GLN B 329 -5.71 -10.47 18.30
C GLN B 329 -5.83 -10.19 16.80
N CYS B 330 -7.06 -9.98 16.34
CA CYS B 330 -7.33 -9.70 14.94
C CYS B 330 -6.78 -8.31 14.60
N GLU B 331 -6.79 -7.42 15.58
CA GLU B 331 -6.30 -6.06 15.38
C GLU B 331 -4.77 -6.00 15.34
N ALA B 332 -4.11 -6.87 16.09
CA ALA B 332 -2.65 -6.90 16.10
C ALA B 332 -2.20 -7.51 14.77
N LEU B 333 -2.90 -8.56 14.34
CA LEU B 333 -2.57 -9.22 13.08
C LEU B 333 -2.77 -8.31 11.84
N THR B 334 -3.92 -7.63 11.74
CA THR B 334 -4.15 -6.72 10.61
C THR B 334 -3.13 -5.57 10.58
N MET B 335 -2.76 -5.04 11.75
CA MET B 335 -1.77 -3.96 11.84
C MET B 335 -0.40 -4.38 11.33
N LEU B 336 0.04 -5.59 11.67
CA LEU B 336 1.36 -6.06 11.23
C LEU B 336 1.35 -6.45 9.76
N CYS B 337 0.16 -6.76 9.24
CA CYS B 337 0.04 -7.10 7.84
C CYS B 337 0.29 -5.84 7.01
N CYS B 338 -0.14 -4.68 7.52
CA CYS B 338 0.07 -3.41 6.84
C CYS B 338 1.57 -3.09 6.88
N GLN B 339 2.20 -3.40 8.01
CA GLN B 339 3.64 -3.15 8.15
C GLN B 339 4.45 -3.93 7.10
N VAL B 340 4.10 -5.19 6.88
CA VAL B 340 4.80 -6.04 5.90
C VAL B 340 4.67 -5.43 4.49
N MET B 341 3.49 -4.87 4.21
CA MET B 341 3.22 -4.24 2.94
C MET B 341 4.14 -3.04 2.70
N GLY B 342 4.31 -2.22 3.73
CA GLY B 342 5.19 -1.06 3.61
C GLY B 342 6.67 -1.46 3.56
N ASN B 343 7.01 -2.51 4.29
CA ASN B 343 8.38 -3.03 4.33
C ASN B 343 8.79 -3.48 2.94
N ASP B 344 7.85 -4.05 2.20
CA ASP B 344 8.13 -4.54 0.86
C ASP B 344 8.55 -3.41 -0.08
N VAL B 345 7.93 -2.24 0.07
CA VAL B 345 8.25 -1.07 -0.73
C VAL B 345 9.68 -0.56 -0.44
N ALA B 346 10.05 -0.47 0.84
CA ALA B 346 11.39 0.00 1.21
C ALA B 346 12.42 -0.97 0.62
N ILE B 347 12.14 -2.27 0.72
CA ILE B 347 13.00 -3.34 0.21
C ILE B 347 13.15 -3.26 -1.31
N ASN B 348 12.04 -3.04 -2.00
CA ASN B 348 12.06 -2.95 -3.46
C ASN B 348 12.90 -1.77 -3.90
N MET B 349 12.77 -0.64 -3.20
CA MET B 349 13.56 0.55 -3.52
C MET B 349 15.06 0.32 -3.34
N GLY B 350 15.45 -0.30 -2.23
CA GLY B 350 16.85 -0.58 -1.99
C GLY B 350 17.39 -1.63 -2.96
N GLY B 351 16.59 -2.66 -3.22
CA GLY B 351 17.01 -3.71 -4.14
C GLY B 351 17.19 -3.26 -5.57
N ALA B 352 16.43 -2.25 -5.99
CA ALA B 352 16.50 -1.70 -7.34
C ALA B 352 17.61 -0.65 -7.50
N SER B 353 18.27 -0.30 -6.41
CA SER B 353 19.29 0.74 -6.44
C SER B 353 20.76 0.33 -6.39
N GLY B 354 21.07 -0.88 -6.83
CA GLY B 354 22.46 -1.30 -6.82
C GLY B 354 23.25 -0.56 -7.89
N ASN B 355 24.55 -0.36 -7.67
CA ASN B 355 25.39 0.32 -8.66
C ASN B 355 26.65 -0.49 -8.90
N PHE B 356 26.83 -0.90 -10.15
CA PHE B 356 28.00 -1.65 -10.56
C PHE B 356 28.25 -2.95 -9.80
N GLU B 357 29.37 -3.04 -9.11
CA GLU B 357 29.76 -4.25 -8.40
C GLU B 357 29.13 -4.49 -7.03
N LEU B 358 28.51 -3.47 -6.44
CA LEU B 358 27.93 -3.64 -5.12
C LEU B 358 26.62 -2.91 -4.82
N ASN B 359 25.73 -3.58 -4.11
CA ASN B 359 24.47 -2.95 -3.68
C ASN B 359 24.75 -2.43 -2.27
N VAL B 360 24.71 -1.11 -2.09
CA VAL B 360 24.96 -0.52 -0.77
C VAL B 360 23.69 0.00 -0.05
N PHE B 361 22.66 -0.84 0.02
CA PHE B 361 21.41 -0.51 0.70
C PHE B 361 21.05 -1.69 1.61
N ARG B 362 22.03 -2.54 1.86
CA ARG B 362 21.89 -3.77 2.63
C ARG B 362 21.38 -3.75 4.09
N PRO B 363 21.90 -2.87 4.96
CA PRO B 363 21.39 -2.86 6.34
C PRO B 363 19.87 -2.64 6.39
N MET B 364 19.39 -1.68 5.61
CA MET B 364 17.98 -1.34 5.54
C MET B 364 17.15 -2.53 5.00
N VAL B 365 17.64 -3.16 3.94
CA VAL B 365 16.94 -4.30 3.35
C VAL B 365 16.76 -5.45 4.36
N ILE B 366 17.83 -5.82 5.05
CA ILE B 366 17.77 -6.92 6.00
C ILE B 366 16.98 -6.54 7.26
N HIS B 367 17.01 -5.26 7.60
CA HIS B 367 16.25 -4.76 8.74
C HIS B 367 14.76 -5.02 8.48
N ASN B 368 14.28 -4.60 7.31
CA ASN B 368 12.87 -4.79 6.95
C ASN B 368 12.47 -6.25 6.78
N PHE B 369 13.35 -7.04 6.17
CA PHE B 369 13.09 -8.46 5.93
C PHE B 369 12.92 -9.28 7.21
N LEU B 370 13.87 -9.15 8.14
CA LEU B 370 13.79 -9.91 9.38
C LEU B 370 12.62 -9.45 10.24
N GLN B 371 12.25 -8.17 10.13
CA GLN B 371 11.11 -7.68 10.89
C GLN B 371 9.80 -8.31 10.40
N SER B 372 9.66 -8.45 9.07
CA SER B 372 8.46 -9.06 8.51
C SER B 372 8.35 -10.53 8.90
N VAL B 373 9.48 -11.23 8.94
CA VAL B 373 9.46 -12.64 9.34
C VAL B 373 9.04 -12.79 10.80
N ARG B 374 9.59 -11.95 11.68
CA ARG B 374 9.24 -11.97 13.09
C ARG B 374 7.76 -11.68 13.25
N LEU B 375 7.32 -10.59 12.62
CA LEU B 375 5.91 -10.18 12.69
C LEU B 375 4.95 -11.27 12.28
N LEU B 376 5.18 -11.87 11.11
CA LEU B 376 4.32 -12.94 10.61
C LEU B 376 4.36 -14.20 11.46
N ALA B 377 5.56 -14.60 11.90
CA ALA B 377 5.71 -15.79 12.73
C ALA B 377 5.02 -15.65 14.10
N ASP B 378 5.39 -14.61 14.84
CA ASP B 378 4.82 -14.37 16.17
C ASP B 378 3.34 -14.04 16.07
N GLY B 379 2.96 -13.35 14.98
CA GLY B 379 1.59 -12.99 14.76
C GLY B 379 0.67 -14.19 14.61
N MET B 380 1.09 -15.17 13.80
CA MET B 380 0.29 -16.37 13.60
C MET B 380 0.27 -17.23 14.86
N GLU B 381 1.40 -17.27 15.56
CA GLU B 381 1.50 -18.02 16.82
C GLU B 381 0.54 -17.45 17.86
N SER B 382 0.51 -16.14 17.96
CA SER B 382 -0.37 -15.43 18.90
C SER B 382 -1.84 -15.62 18.51
N PHE B 383 -2.14 -15.42 17.23
CA PHE B 383 -3.49 -15.55 16.70
C PHE B 383 -4.00 -16.98 16.85
N ASN B 384 -3.11 -17.94 16.67
CA ASN B 384 -3.49 -19.33 16.80
C ASN B 384 -3.90 -19.73 18.22
N LYS B 385 -3.00 -19.52 19.19
CA LYS B 385 -3.27 -19.90 20.57
C LYS B 385 -4.25 -19.01 21.34
N HIS B 386 -4.36 -17.75 20.93
CA HIS B 386 -5.25 -16.83 21.63
C HIS B 386 -6.57 -16.53 20.92
N CYS B 387 -6.84 -17.22 19.83
CA CYS B 387 -8.08 -16.99 19.10
C CYS B 387 -8.56 -18.20 18.31
N ALA B 388 -7.76 -18.61 17.32
CA ALA B 388 -8.11 -19.73 16.45
C ALA B 388 -8.51 -21.05 17.09
N VAL B 389 -7.75 -21.53 18.07
CA VAL B 389 -8.09 -22.81 18.71
C VAL B 389 -9.44 -22.78 19.45
N GLY B 390 -9.91 -21.58 19.80
CA GLY B 390 -11.16 -21.47 20.53
C GLY B 390 -12.36 -20.92 19.77
N ILE B 391 -12.30 -20.89 18.45
CA ILE B 391 -13.42 -20.38 17.64
C ILE B 391 -14.64 -21.30 17.79
N GLU B 392 -15.78 -20.73 18.14
CA GLU B 392 -16.99 -21.52 18.31
C GLU B 392 -18.19 -20.92 17.58
N PRO B 393 -19.08 -21.77 17.07
CA PRO B 393 -20.28 -21.30 16.36
C PRO B 393 -21.46 -20.93 17.27
N ASN B 394 -22.12 -19.82 16.97
CA ASN B 394 -23.30 -19.40 17.72
C ASN B 394 -24.47 -19.97 16.89
N ARG B 395 -24.67 -21.29 16.99
CA ARG B 395 -25.69 -22.03 16.25
C ARG B 395 -27.09 -21.41 16.22
N GLU B 396 -27.47 -20.75 17.30
CA GLU B 396 -28.77 -20.11 17.39
C GLU B 396 -28.85 -18.88 16.47
N ARG B 397 -27.82 -18.04 16.49
CA ARG B 397 -27.78 -16.83 15.67
C ARG B 397 -27.74 -17.24 14.19
N ILE B 398 -26.87 -18.19 13.87
CA ILE B 398 -26.71 -18.70 12.50
C ILE B 398 -28.05 -19.13 11.93
N ASN B 399 -28.76 -19.98 12.68
CA ASN B 399 -30.05 -20.46 12.24
C ASN B 399 -31.07 -19.34 12.13
N GLN B 400 -31.00 -18.40 13.08
CA GLN B 400 -31.93 -17.27 13.03
C GLN B 400 -31.71 -16.50 11.73
N LEU B 401 -30.46 -16.20 11.41
CA LEU B 401 -30.13 -15.48 10.20
C LEU B 401 -30.61 -16.24 8.95
N LEU B 402 -30.35 -17.54 8.91
CA LEU B 402 -30.75 -18.38 7.79
C LEU B 402 -32.25 -18.28 7.50
N ASN B 403 -33.04 -18.45 8.55
CA ASN B 403 -34.49 -18.42 8.43
C ASN B 403 -35.08 -17.05 8.14
N GLU B 404 -34.35 -16.00 8.48
CA GLU B 404 -34.83 -14.64 8.23
C GLU B 404 -34.48 -14.17 6.83
N SER B 405 -33.59 -14.88 6.15
CA SER B 405 -33.21 -14.46 4.81
C SER B 405 -34.19 -14.84 3.72
N LEU B 406 -34.03 -14.19 2.58
CA LEU B 406 -34.86 -14.42 1.40
C LEU B 406 -34.16 -15.38 0.42
N MET B 407 -32.89 -15.70 0.71
CA MET B 407 -32.09 -16.58 -0.15
C MET B 407 -32.50 -18.04 -0.28
N LEU B 408 -33.33 -18.54 0.62
CA LEU B 408 -33.76 -19.93 0.58
C LEU B 408 -34.92 -20.20 -0.39
N VAL B 409 -35.42 -19.15 -1.03
CA VAL B 409 -36.53 -19.24 -1.97
C VAL B 409 -36.29 -20.23 -3.11
N THR B 410 -35.03 -20.40 -3.47
CA THR B 410 -34.63 -21.30 -4.55
C THR B 410 -35.10 -22.75 -4.32
N ALA B 411 -35.26 -23.14 -3.07
CA ALA B 411 -35.70 -24.50 -2.73
C ALA B 411 -37.14 -24.79 -3.16
N LEU B 412 -37.91 -23.73 -3.44
CA LEU B 412 -39.30 -23.88 -3.83
C LEU B 412 -39.54 -24.03 -5.32
N ASN B 413 -38.54 -23.68 -6.12
CA ASN B 413 -38.65 -23.76 -7.57
C ASN B 413 -39.11 -25.09 -8.13
N THR B 414 -38.46 -26.19 -7.76
CA THR B 414 -38.82 -27.52 -8.25
C THR B 414 -40.20 -27.99 -7.83
N HIS B 415 -40.77 -27.34 -6.82
CA HIS B 415 -42.08 -27.73 -6.33
C HIS B 415 -43.21 -26.87 -6.86
N ILE B 416 -43.02 -25.55 -6.86
CA ILE B 416 -44.07 -24.62 -7.29
C ILE B 416 -43.78 -23.73 -8.50
N GLY B 417 -42.61 -23.86 -9.09
CA GLY B 417 -42.28 -23.02 -10.25
C GLY B 417 -41.64 -21.70 -9.88
N TYR B 418 -40.81 -21.21 -10.79
CA TYR B 418 -40.07 -19.96 -10.62
C TYR B 418 -40.94 -18.73 -10.39
N ASP B 419 -42.01 -18.60 -11.18
CA ASP B 419 -42.89 -17.43 -11.08
C ASP B 419 -43.56 -17.26 -9.71
N LYS B 420 -44.06 -18.34 -9.14
CA LYS B 420 -44.69 -18.28 -7.83
C LYS B 420 -43.65 -18.04 -6.75
N ALA B 421 -42.49 -18.68 -6.91
CA ALA B 421 -41.40 -18.52 -5.93
C ALA B 421 -40.91 -17.06 -5.88
N ALA B 422 -40.74 -16.43 -7.04
CA ALA B 422 -40.30 -15.04 -7.08
C ALA B 422 -41.37 -14.11 -6.52
N GLU B 423 -42.64 -14.49 -6.68
CA GLU B 423 -43.75 -13.69 -6.17
C GLU B 423 -43.67 -13.67 -4.64
N ILE B 424 -43.46 -14.85 -4.05
CA ILE B 424 -43.33 -15.01 -2.60
C ILE B 424 -42.19 -14.14 -2.06
N ALA B 425 -41.04 -14.18 -2.74
CA ALA B 425 -39.86 -13.40 -2.34
C ALA B 425 -40.12 -11.90 -2.38
N LYS B 426 -40.73 -11.43 -3.46
CA LYS B 426 -41.05 -10.01 -3.61
C LYS B 426 -41.97 -9.50 -2.50
N LYS B 427 -42.99 -10.29 -2.18
CA LYS B 427 -43.94 -9.95 -1.13
C LYS B 427 -43.23 -9.86 0.22
N ALA B 428 -42.48 -10.91 0.56
CA ALA B 428 -41.75 -10.95 1.82
C ALA B 428 -40.81 -9.75 1.93
N HIS B 429 -40.18 -9.39 0.82
CA HIS B 429 -39.27 -8.26 0.80
C HIS B 429 -39.96 -6.91 0.97
N LYS B 430 -41.01 -6.66 0.20
CA LYS B 430 -41.70 -5.38 0.31
C LYS B 430 -42.43 -5.20 1.63
N GLU B 431 -42.99 -6.28 2.16
CA GLU B 431 -43.75 -6.23 3.39
C GLU B 431 -42.99 -6.52 4.69
N GLY B 432 -41.75 -6.98 4.56
CA GLY B 432 -40.95 -7.28 5.75
C GLY B 432 -41.36 -8.58 6.42
N LEU B 433 -41.62 -9.60 5.63
CA LEU B 433 -42.03 -10.89 6.16
C LEU B 433 -40.98 -11.95 5.85
N THR B 434 -41.09 -13.09 6.51
CA THR B 434 -40.21 -14.22 6.28
C THR B 434 -40.82 -14.94 5.08
N LEU B 435 -40.02 -15.74 4.37
CA LEU B 435 -40.48 -16.50 3.22
C LEU B 435 -41.70 -17.36 3.55
N LYS B 436 -41.69 -17.97 4.73
CA LYS B 436 -42.80 -18.82 5.17
C LYS B 436 -44.07 -18.01 5.36
N ALA B 437 -43.97 -16.88 6.06
CA ALA B 437 -45.14 -16.03 6.31
C ALA B 437 -45.76 -15.54 5.00
N ALA B 438 -44.93 -15.18 4.04
CA ALA B 438 -45.40 -14.71 2.73
C ALA B 438 -46.07 -15.85 1.95
N ALA B 439 -45.42 -17.01 1.91
CA ALA B 439 -45.95 -18.18 1.20
C ALA B 439 -47.33 -18.58 1.76
N LEU B 440 -47.47 -18.55 3.07
CA LEU B 440 -48.72 -18.90 3.75
C LEU B 440 -49.82 -17.85 3.53
N ALA B 441 -49.41 -16.57 3.53
CA ALA B 441 -50.34 -15.47 3.33
C ALA B 441 -50.95 -15.62 1.94
N LEU B 442 -50.13 -16.05 1.00
CA LEU B 442 -50.54 -16.27 -0.39
C LEU B 442 -51.27 -17.60 -0.54
N GLY B 443 -51.01 -18.52 0.39
CA GLY B 443 -51.66 -19.82 0.34
C GLY B 443 -51.11 -20.74 -0.75
N TYR B 444 -49.85 -20.56 -1.11
CA TYR B 444 -49.25 -21.39 -2.15
C TYR B 444 -48.83 -22.78 -1.65
N LEU B 445 -48.64 -22.92 -0.34
CA LEU B 445 -48.26 -24.18 0.26
C LEU B 445 -48.59 -24.18 1.75
N SER B 446 -48.57 -25.36 2.35
CA SER B 446 -48.85 -25.50 3.77
C SER B 446 -47.52 -25.35 4.52
N GLU B 447 -47.59 -25.07 5.82
CA GLU B 447 -46.39 -24.92 6.64
C GLU B 447 -45.58 -26.23 6.64
N ALA B 448 -46.28 -27.35 6.62
CA ALA B 448 -45.66 -28.67 6.60
C ALA B 448 -44.90 -28.86 5.29
N GLU B 449 -45.47 -28.36 4.19
CA GLU B 449 -44.81 -28.46 2.89
C GLU B 449 -43.57 -27.57 2.87
N PHE B 450 -43.67 -26.39 3.48
CA PHE B 450 -42.54 -25.47 3.54
C PHE B 450 -41.41 -26.14 4.32
N ASP B 451 -41.74 -26.66 5.50
CA ASP B 451 -40.77 -27.31 6.35
C ASP B 451 -40.08 -28.52 5.72
N SER B 452 -40.79 -29.19 4.83
CA SER B 452 -40.24 -30.37 4.17
C SER B 452 -39.44 -30.02 2.91
N TRP B 453 -39.85 -28.98 2.21
CA TRP B 453 -39.22 -28.55 0.97
C TRP B 453 -37.96 -27.69 1.09
N VAL B 454 -37.96 -26.75 2.03
CA VAL B 454 -36.81 -25.88 2.21
C VAL B 454 -35.81 -26.44 3.21
N ARG B 455 -34.94 -27.33 2.74
CA ARG B 455 -33.92 -27.91 3.60
C ARG B 455 -32.56 -27.32 3.23
N PRO B 456 -32.09 -26.32 3.99
CA PRO B 456 -30.80 -25.70 3.70
C PRO B 456 -29.62 -26.66 3.59
N GLU B 457 -29.74 -27.85 4.20
CA GLU B 457 -28.68 -28.84 4.16
C GLU B 457 -28.40 -29.37 2.76
N GLN B 458 -29.32 -29.15 1.83
CA GLN B 458 -29.11 -29.59 0.46
C GLN B 458 -28.78 -28.46 -0.50
N MET B 459 -27.92 -27.54 -0.04
CA MET B 459 -27.49 -26.40 -0.85
C MET B 459 -26.40 -26.79 -1.84
#